data_5U3F
#
_entry.id   5U3F
#
_cell.length_a   91.892
_cell.length_b   80.464
_cell.length_c   81.250
_cell.angle_alpha   90.00
_cell.angle_beta   90.00
_cell.angle_gamma   90.00
#
_symmetry.space_group_name_H-M   'P 21 21 21'
#
loop_
_entity.id
_entity.type
_entity.pdbx_description
1 polymer 'Branched-chain-amino-acid aminotransferase'
2 non-polymer '(5-hydroxy-6-methyl-4-{[(3-oxo-2,3-dihydro-1,2-oxazol-4-yl)amino]methyl}pyridin-3-yl)methyl dihydrogen phosphate'
3 water water
#
_entity_poly.entity_id   1
_entity_poly.type   'polypeptide(L)'
_entity_poly.pdbx_seq_one_letter_code
;MTSGSLQFTVLRAVNPATDAQRESMLREPGFGKYHTDHMVSIDYAEGRGWHNARVIPYGPIELDPSAIVLHYAQEVFEGL
KAYRWADGSIVSFRADANAARLRSSARRLAIPELPDAVFIESLRQLIAVDKAWVPGAGGEEALYLRPFIFATEPGLGVRP
ATQYRYLLIASPAGAYFKGGIAPVSVWVSTEYVRACPGGTGAAKFGGNYAASLLAQAEAAENGCDQVVWLDAVERRYIEE
MGGMNIFFVLGSGGSARLVTPELSGSLLPGITRDSLLQLAIDAGFAVEERRIDIDEWQKKAAAGEITEVFACGTAAVITP
VARVRHGASEFRIADGQPGEVTMALRDTLTGIQRGTFADTHGWMARLG
;
_entity_poly.pdbx_strand_id   A,B
#
# COMPACT_ATOMS: atom_id res chain seq x y z
N HIS A 35 3.69 1.66 -25.61
CA HIS A 35 2.30 1.26 -25.52
C HIS A 35 1.68 1.14 -26.92
N THR A 36 0.67 0.29 -27.05
CA THR A 36 -0.02 0.12 -28.33
C THR A 36 -1.05 1.22 -28.56
N ASP A 37 -1.82 1.15 -29.65
CA ASP A 37 -2.64 2.31 -30.05
C ASP A 37 -3.92 2.51 -29.25
N HIS A 38 -4.47 1.42 -28.71
CA HIS A 38 -5.77 1.43 -28.05
C HIS A 38 -5.72 0.93 -26.61
N MET A 39 -6.83 1.11 -25.89
CA MET A 39 -6.99 0.55 -24.57
C MET A 39 -8.46 0.23 -24.35
N VAL A 40 -8.72 -0.70 -23.44
CA VAL A 40 -10.09 -1.07 -23.14
C VAL A 40 -10.45 -0.45 -21.79
N SER A 41 -11.59 0.24 -21.75
CA SER A 41 -12.11 0.90 -20.55
C SER A 41 -13.44 0.30 -20.11
N ILE A 42 -13.57 0.03 -18.82
CA ILE A 42 -14.82 -0.44 -18.23
C ILE A 42 -15.04 0.29 -16.91
N ASP A 43 -16.29 0.68 -16.65
CA ASP A 43 -16.62 1.45 -15.45
C ASP A 43 -17.42 0.60 -14.47
N TYR A 44 -17.24 0.89 -13.19
CA TYR A 44 -18.10 0.34 -12.17
C TYR A 44 -18.87 1.45 -11.44
N ALA A 45 -20.18 1.27 -11.27
CA ALA A 45 -20.97 2.16 -10.40
C ALA A 45 -21.84 1.29 -9.51
N GLU A 46 -21.92 1.62 -8.23
CA GLU A 46 -22.66 0.78 -7.28
C GLU A 46 -24.12 0.69 -7.73
N GLY A 47 -24.67 -0.52 -7.66
CA GLY A 47 -26.02 -0.75 -8.15
C GLY A 47 -26.07 -1.16 -9.62
N ARG A 48 -25.07 -0.75 -10.39
CA ARG A 48 -25.04 -1.06 -11.82
C ARG A 48 -23.99 -2.13 -12.17
N GLY A 49 -23.04 -2.39 -11.27
CA GLY A 49 -21.97 -3.32 -11.58
C GLY A 49 -20.99 -2.77 -12.61
N TRP A 50 -20.20 -3.67 -13.18
CA TRP A 50 -19.27 -3.30 -14.23
C TRP A 50 -20.03 -3.12 -15.52
N HIS A 51 -19.81 -1.98 -16.16
CA HIS A 51 -20.55 -1.64 -17.38
C HIS A 51 -19.78 -0.69 -18.29
N ASN A 52 -20.39 -0.37 -19.42
CA ASN A 52 -19.87 0.61 -20.37
C ASN A 52 -18.47 0.23 -20.90
N ALA A 53 -18.28 -1.04 -21.22
CA ALA A 53 -17.01 -1.49 -21.79
C ALA A 53 -16.85 -0.92 -23.19
N ARG A 54 -15.68 -0.37 -23.47
CA ARG A 54 -15.43 0.26 -24.75
C ARG A 54 -13.95 0.29 -25.09
N VAL A 55 -13.67 0.19 -26.37
CA VAL A 55 -12.31 0.26 -26.87
C VAL A 55 -12.06 1.68 -27.33
N ILE A 56 -11.02 2.31 -26.80
CA ILE A 56 -10.74 3.71 -27.13
C ILE A 56 -9.25 3.91 -27.39
N PRO A 57 -8.87 5.05 -27.97
CA PRO A 57 -7.43 5.25 -28.13
C PRO A 57 -6.70 5.29 -26.80
N TYR A 58 -5.44 4.85 -26.78
CA TYR A 58 -4.59 5.08 -25.61
C TYR A 58 -4.38 6.58 -25.45
N GLY A 59 -4.74 7.13 -24.29
CA GLY A 59 -4.63 8.56 -24.07
C GLY A 59 -4.84 8.89 -22.61
N PRO A 60 -4.63 10.17 -22.21
CA PRO A 60 -4.79 10.62 -20.82
C PRO A 60 -6.15 10.33 -20.32
N ILE A 61 -6.26 10.04 -19.03
CA ILE A 61 -7.56 9.90 -18.40
C ILE A 61 -7.73 10.98 -17.34
N GLU A 62 -8.96 11.24 -16.93
CA GLU A 62 -9.20 12.29 -15.94
C GLU A 62 -9.64 11.72 -14.61
N LEU A 63 -9.22 12.38 -13.54
CA LEU A 63 -9.64 12.05 -12.18
C LEU A 63 -9.96 13.32 -11.42
N ASP A 64 -10.99 13.25 -10.58
CA ASP A 64 -11.20 14.31 -9.58
C ASP A 64 -9.99 14.35 -8.64
N PRO A 65 -9.58 15.54 -8.19
CA PRO A 65 -8.46 15.58 -7.23
C PRO A 65 -8.69 14.70 -5.97
N SER A 66 -9.95 14.49 -5.59
CA SER A 66 -10.23 13.71 -4.40
CA SER A 66 -10.30 13.73 -4.40
C SER A 66 -10.52 12.25 -4.73
N ALA A 67 -10.25 11.84 -5.97
CA ALA A 67 -10.43 10.42 -6.30
C ALA A 67 -9.66 9.54 -5.31
N ILE A 68 -10.34 8.53 -4.78
CA ILE A 68 -9.81 7.72 -3.72
C ILE A 68 -8.43 7.11 -4.06
N VAL A 69 -8.17 6.75 -5.31
CA VAL A 69 -6.89 6.13 -5.65
C VAL A 69 -5.72 7.05 -5.39
N LEU A 70 -5.95 8.36 -5.50
CA LEU A 70 -4.87 9.33 -5.28
C LEU A 70 -4.53 9.56 -3.80
N HIS A 71 -5.34 9.04 -2.89
CA HIS A 71 -5.17 9.26 -1.46
C HIS A 71 -4.96 7.95 -0.72
N TYR A 72 -5.75 6.94 -1.06
CA TYR A 72 -5.75 5.74 -0.25
C TYR A 72 -5.45 4.50 -1.08
N ALA A 73 -4.95 4.69 -2.30
CA ALA A 73 -4.30 3.64 -3.06
C ALA A 73 -5.17 2.39 -3.28
N GLN A 74 -6.49 2.58 -3.46
CA GLN A 74 -7.35 1.43 -3.66
C GLN A 74 -7.29 1.02 -5.12
N GLU A 75 -6.43 0.05 -5.38
CA GLU A 75 -6.07 -0.36 -6.74
C GLU A 75 -5.45 -1.76 -6.72
N VAL A 76 -5.68 -2.50 -7.80
CA VAL A 76 -5.06 -3.82 -7.99
C VAL A 76 -4.78 -4.03 -9.48
N PHE A 77 -3.86 -4.94 -9.79
CA PHE A 77 -3.47 -5.13 -11.19
C PHE A 77 -3.02 -6.55 -11.52
N GLU A 78 -2.86 -6.82 -12.81
CA GLU A 78 -2.40 -8.10 -13.32
C GLU A 78 -1.36 -7.89 -14.39
N GLY A 79 -0.76 -8.99 -14.86
CA GLY A 79 0.16 -8.95 -15.97
C GLY A 79 0.23 -10.30 -16.63
N LEU A 80 0.20 -10.32 -17.95
CA LEU A 80 0.19 -11.56 -18.72
C LEU A 80 0.54 -11.23 -20.15
N LYS A 81 0.84 -12.25 -20.97
CA LYS A 81 1.29 -11.98 -22.32
C LYS A 81 0.38 -12.57 -23.38
N ALA A 82 0.41 -11.95 -24.56
CA ALA A 82 -0.20 -12.51 -25.77
C ALA A 82 0.90 -12.91 -26.72
N TYR A 83 0.80 -14.15 -27.23
CA TYR A 83 1.84 -14.71 -28.06
C TYR A 83 1.32 -14.96 -29.44
N ARG A 84 2.15 -14.74 -30.45
CA ARG A 84 1.78 -15.11 -31.82
C ARG A 84 2.30 -16.50 -32.15
N TRP A 85 1.47 -17.34 -32.76
CA TRP A 85 1.92 -18.68 -33.12
C TRP A 85 2.14 -18.83 -34.62
N ALA A 86 2.79 -19.93 -35.00
CA ALA A 86 3.14 -20.17 -36.40
C ALA A 86 1.94 -20.23 -37.33
N ASP A 87 0.79 -20.65 -36.81
CA ASP A 87 -0.43 -20.77 -37.62
C ASP A 87 -1.17 -19.44 -37.76
N GLY A 88 -0.58 -18.40 -37.19
CA GLY A 88 -1.10 -17.04 -37.30
C GLY A 88 -2.04 -16.64 -36.17
N SER A 89 -2.33 -17.58 -35.26
CA SER A 89 -3.21 -17.26 -34.14
C SER A 89 -2.47 -16.46 -33.06
N ILE A 90 -3.25 -15.76 -32.23
CA ILE A 90 -2.74 -15.07 -31.06
C ILE A 90 -3.31 -15.81 -29.86
N VAL A 91 -2.45 -16.14 -28.89
CA VAL A 91 -2.89 -16.95 -27.77
C VAL A 91 -2.49 -16.33 -26.44
N SER A 92 -3.18 -16.77 -25.40
CA SER A 92 -2.84 -16.42 -24.02
C SER A 92 -2.34 -17.68 -23.27
N PHE A 93 -1.58 -17.45 -22.21
CA PHE A 93 -1.11 -18.52 -21.32
C PHE A 93 -1.78 -18.38 -19.95
N ARG A 94 -2.65 -19.32 -19.60
CA ARG A 94 -3.36 -19.36 -18.33
C ARG A 94 -4.05 -18.05 -17.99
N ALA A 95 -4.63 -17.39 -18.99
CA ALA A 95 -5.38 -16.16 -18.74
C ALA A 95 -6.52 -16.37 -17.71
N ASP A 96 -7.12 -17.56 -17.69
CA ASP A 96 -8.16 -17.84 -16.70
C ASP A 96 -7.64 -17.69 -15.29
N ALA A 97 -6.36 -17.97 -15.11
CA ALA A 97 -5.74 -17.85 -13.78
C ALA A 97 -5.56 -16.38 -13.39
N ASN A 98 -5.14 -15.57 -14.35
CA ASN A 98 -5.05 -14.13 -14.13
C ASN A 98 -6.40 -13.53 -13.82
N ALA A 99 -7.42 -13.96 -14.53
CA ALA A 99 -8.77 -13.46 -14.30
C ALA A 99 -9.17 -13.69 -12.83
N ALA A 100 -8.97 -14.92 -12.36
CA ALA A 100 -9.34 -15.29 -11.01
C ALA A 100 -8.45 -14.60 -9.97
N ARG A 101 -7.20 -14.36 -10.32
CA ARG A 101 -6.29 -13.73 -9.35
C ARG A 101 -6.62 -12.23 -9.24
N LEU A 102 -7.03 -11.60 -10.35
CA LEU A 102 -7.46 -10.20 -10.28
C LEU A 102 -8.64 -10.11 -9.31
N ARG A 103 -9.54 -11.10 -9.35
CA ARG A 103 -10.68 -11.16 -8.42
C ARG A 103 -10.22 -11.37 -6.96
N SER A 104 -9.25 -12.25 -6.72
CA SER A 104 -8.76 -12.48 -5.37
CA SER A 104 -8.82 -12.48 -5.35
C SER A 104 -8.11 -11.22 -4.79
N SER A 105 -7.32 -10.54 -5.63
CA SER A 105 -6.67 -9.28 -5.25
C SER A 105 -7.71 -8.21 -4.95
N ALA A 106 -8.67 -8.03 -5.87
CA ALA A 106 -9.80 -7.12 -5.67
C ALA A 106 -10.52 -7.39 -4.34
N ARG A 107 -10.84 -8.65 -4.04
CA ARG A 107 -11.53 -8.93 -2.77
C ARG A 107 -10.74 -8.46 -1.55
N ARG A 108 -9.42 -8.71 -1.53
CA ARG A 108 -8.60 -8.30 -0.40
C ARG A 108 -8.57 -6.77 -0.24
N LEU A 109 -8.72 -6.05 -1.36
CA LEU A 109 -8.71 -4.58 -1.33
C LEU A 109 -10.11 -3.93 -1.31
N ALA A 110 -11.13 -4.73 -1.02
CA ALA A 110 -12.52 -4.25 -0.98
C ALA A 110 -12.96 -3.62 -2.29
N ILE A 111 -12.47 -4.20 -3.40
CA ILE A 111 -12.87 -3.79 -4.72
C ILE A 111 -13.84 -4.82 -5.28
N PRO A 112 -14.96 -4.38 -5.89
CA PRO A 112 -15.86 -5.28 -6.60
C PRO A 112 -15.15 -6.10 -7.69
N GLU A 113 -15.41 -7.39 -7.71
CA GLU A 113 -14.73 -8.27 -8.66
C GLU A 113 -15.18 -8.04 -10.10
N LEU A 114 -14.22 -7.97 -11.01
CA LEU A 114 -14.52 -7.98 -12.44
C LEU A 114 -14.79 -9.44 -12.84
N PRO A 115 -15.97 -9.73 -13.42
CA PRO A 115 -16.25 -11.13 -13.77
C PRO A 115 -15.22 -11.70 -14.74
N ASP A 116 -14.86 -12.98 -14.58
CA ASP A 116 -13.81 -13.57 -15.43
C ASP A 116 -14.16 -13.43 -16.91
N ALA A 117 -15.43 -13.65 -17.25
CA ALA A 117 -15.83 -13.53 -18.65
C ALA A 117 -15.55 -12.14 -19.22
N VAL A 118 -15.80 -11.09 -18.43
CA VAL A 118 -15.51 -9.72 -18.88
C VAL A 118 -13.99 -9.47 -19.00
N PHE A 119 -13.22 -10.03 -18.06
CA PHE A 119 -11.76 -9.96 -18.09
C PHE A 119 -11.25 -10.57 -19.40
N ILE A 120 -11.69 -11.79 -19.68
CA ILE A 120 -11.23 -12.50 -20.87
C ILE A 120 -11.66 -11.76 -22.14
N GLU A 121 -12.91 -11.29 -22.18
CA GLU A 121 -13.39 -10.53 -23.33
C GLU A 121 -12.57 -9.25 -23.59
N SER A 122 -12.13 -8.54 -22.53
CA SER A 122 -11.32 -7.34 -22.73
C SER A 122 -9.99 -7.69 -23.42
N LEU A 123 -9.43 -8.86 -23.11
CA LEU A 123 -8.22 -9.30 -23.77
C LEU A 123 -8.49 -9.47 -25.26
N ARG A 124 -9.57 -10.19 -25.56
CA ARG A 124 -9.97 -10.39 -26.97
C ARG A 124 -10.21 -9.07 -27.72
N GLN A 125 -10.92 -8.14 -27.10
CA GLN A 125 -11.19 -6.83 -27.70
C GLN A 125 -9.93 -6.04 -28.03
N LEU A 126 -8.94 -6.06 -27.13
CA LEU A 126 -7.73 -5.29 -27.41
C LEU A 126 -6.91 -5.93 -28.54
N ILE A 127 -6.78 -7.25 -28.53
CA ILE A 127 -6.03 -7.93 -29.58
C ILE A 127 -6.71 -7.72 -30.95
N ALA A 128 -8.03 -7.60 -30.96
CA ALA A 128 -8.74 -7.47 -32.23
C ALA A 128 -8.34 -6.17 -32.96
N VAL A 129 -8.12 -5.10 -32.20
CA VAL A 129 -7.75 -3.83 -32.81
C VAL A 129 -6.23 -3.63 -32.89
N ASP A 130 -5.48 -4.19 -31.94
CA ASP A 130 -4.04 -3.95 -31.92
C ASP A 130 -3.22 -5.21 -32.27
N LYS A 131 -3.84 -6.13 -33.00
CA LYS A 131 -3.20 -7.39 -33.39
C LYS A 131 -1.82 -7.22 -34.03
N ALA A 132 -1.63 -6.17 -34.82
CA ALA A 132 -0.37 -5.96 -35.53
C ALA A 132 0.81 -5.69 -34.59
N TRP A 133 0.49 -5.37 -33.34
CA TRP A 133 1.50 -5.09 -32.33
C TRP A 133 2.10 -6.37 -31.69
N VAL A 134 1.41 -7.50 -31.84
CA VAL A 134 1.94 -8.73 -31.30
C VAL A 134 3.11 -9.15 -32.17
N PRO A 135 4.29 -9.32 -31.56
CA PRO A 135 5.52 -9.63 -32.32
C PRO A 135 5.44 -10.98 -33.00
N GLY A 136 6.40 -11.28 -33.86
CA GLY A 136 6.39 -12.53 -34.61
C GLY A 136 6.58 -13.77 -33.75
N ALA A 137 6.18 -14.91 -34.31
CA ALA A 137 6.55 -16.19 -33.75
C ALA A 137 7.92 -16.54 -34.37
N GLY A 138 8.79 -17.17 -33.58
CA GLY A 138 8.46 -17.60 -32.22
C GLY A 138 9.70 -17.67 -31.34
N GLY A 139 9.91 -16.63 -30.54
CA GLY A 139 11.02 -16.59 -29.61
C GLY A 139 10.61 -16.05 -28.25
N GLU A 140 11.42 -15.12 -27.72
CA GLU A 140 11.14 -14.51 -26.43
C GLU A 140 10.11 -13.40 -26.55
N GLU A 141 9.87 -12.93 -27.77
CA GLU A 141 9.05 -11.74 -27.97
C GLU A 141 7.55 -12.03 -27.84
N ALA A 142 6.85 -11.15 -27.13
CA ALA A 142 5.40 -11.27 -27.01
C ALA A 142 4.84 -9.89 -26.67
N LEU A 143 3.53 -9.78 -26.52
CA LEU A 143 2.96 -8.48 -26.15
C LEU A 143 2.56 -8.56 -24.69
N TYR A 144 3.01 -7.61 -23.87
CA TYR A 144 2.62 -7.58 -22.46
C TYR A 144 1.28 -6.87 -22.27
N LEU A 145 0.40 -7.52 -21.52
CA LEU A 145 -0.94 -7.02 -21.25
C LEU A 145 -1.03 -6.63 -19.78
N ARG A 146 -1.51 -5.42 -19.52
CA ARG A 146 -1.61 -4.88 -18.16
C ARG A 146 -3.08 -4.56 -17.86
N PRO A 147 -3.80 -5.50 -17.24
CA PRO A 147 -5.14 -5.18 -16.73
C PRO A 147 -5.03 -4.53 -15.37
N PHE A 148 -5.80 -3.47 -15.10
CA PHE A 148 -5.73 -2.87 -13.77
C PHE A 148 -6.98 -2.14 -13.37
N ILE A 149 -7.21 -2.07 -12.06
CA ILE A 149 -8.39 -1.43 -11.53
C ILE A 149 -8.01 -0.34 -10.52
N PHE A 150 -8.70 0.80 -10.56
CA PHE A 150 -8.44 1.83 -9.55
C PHE A 150 -9.73 2.54 -9.14
N ALA A 151 -9.78 2.94 -7.87
CA ALA A 151 -10.93 3.67 -7.33
C ALA A 151 -10.98 5.10 -7.88
N THR A 152 -12.14 5.51 -8.39
CA THR A 152 -12.24 6.83 -9.00
C THR A 152 -13.21 7.76 -8.27
N GLU A 153 -13.99 7.20 -7.37
CA GLU A 153 -14.97 8.01 -6.64
C GLU A 153 -14.28 9.13 -5.86
N PRO A 154 -14.76 10.36 -6.06
CA PRO A 154 -14.26 11.52 -5.31
C PRO A 154 -14.69 11.41 -3.85
N GLY A 155 -13.78 11.64 -2.91
CA GLY A 155 -14.15 11.64 -1.50
C GLY A 155 -12.99 11.33 -0.59
N LEU A 156 -12.82 12.12 0.47
CA LEU A 156 -11.68 11.93 1.34
C LEU A 156 -11.97 11.05 2.55
N GLY A 157 -13.23 10.62 2.71
CA GLY A 157 -13.52 9.54 3.65
C GLY A 157 -12.77 8.25 3.34
N VAL A 158 -12.21 7.64 4.38
CA VAL A 158 -11.48 6.38 4.21
C VAL A 158 -12.44 5.19 4.26
N ARG A 159 -12.85 4.74 3.09
CA ARG A 159 -13.81 3.65 2.94
C ARG A 159 -13.70 3.11 1.52
N PRO A 160 -14.22 1.91 1.26
CA PRO A 160 -14.20 1.41 -0.12
C PRO A 160 -14.96 2.34 -1.05
N ALA A 161 -14.41 2.57 -2.25
CA ALA A 161 -15.08 3.41 -3.21
C ALA A 161 -16.38 2.74 -3.69
N THR A 162 -17.30 3.55 -4.23
CA THR A 162 -18.47 3.05 -4.94
C THR A 162 -18.39 3.25 -6.45
N GLN A 163 -17.25 3.78 -6.92
CA GLN A 163 -16.98 3.99 -8.35
C GLN A 163 -15.56 3.55 -8.64
N TYR A 164 -15.36 2.79 -9.72
CA TYR A 164 -14.02 2.35 -10.15
C TYR A 164 -13.87 2.42 -11.65
N ARG A 165 -12.64 2.32 -12.11
CA ARG A 165 -12.39 2.13 -13.53
C ARG A 165 -11.44 0.94 -13.71
N TYR A 166 -11.70 0.17 -14.76
CA TYR A 166 -10.76 -0.85 -15.24
C TYR A 166 -10.21 -0.42 -16.58
N LEU A 167 -8.91 -0.51 -16.72
CA LEU A 167 -8.27 -0.27 -18.02
C LEU A 167 -7.46 -1.51 -18.40
N LEU A 168 -7.37 -1.79 -19.69
CA LEU A 168 -6.46 -2.80 -20.21
C LEU A 168 -5.57 -2.11 -21.23
N ILE A 169 -4.26 -2.12 -20.98
CA ILE A 169 -3.28 -1.51 -21.90
C ILE A 169 -2.26 -2.57 -22.29
N ALA A 170 -1.52 -2.30 -23.37
CA ALA A 170 -0.58 -3.27 -23.90
C ALA A 170 0.75 -2.60 -24.18
N SER A 171 1.83 -3.35 -24.05
CA SER A 171 3.18 -2.81 -24.26
C SER A 171 4.06 -3.84 -24.95
N PRO A 172 4.83 -3.43 -25.96
CA PRO A 172 5.73 -4.41 -26.60
C PRO A 172 6.75 -4.97 -25.60
N ALA A 173 6.92 -6.28 -25.56
CA ALA A 173 7.82 -6.91 -24.59
C ALA A 173 8.89 -7.79 -25.26
N ALA A 182 20.21 -14.47 -18.75
CA ALA A 182 21.32 -13.78 -18.13
C ALA A 182 21.27 -13.83 -16.60
N PRO A 183 22.18 -14.59 -15.95
CA PRO A 183 22.09 -14.74 -14.48
C PRO A 183 22.20 -13.41 -13.74
N VAL A 184 21.50 -13.29 -12.62
CA VAL A 184 21.45 -12.04 -11.87
C VAL A 184 22.00 -12.22 -10.47
N SER A 185 22.36 -11.10 -9.85
CA SER A 185 22.76 -11.06 -8.46
C SER A 185 21.61 -10.52 -7.64
N VAL A 186 21.45 -11.05 -6.43
CA VAL A 186 20.34 -10.59 -5.60
C VAL A 186 20.79 -10.08 -4.26
N TRP A 187 20.10 -9.04 -3.80
CA TRP A 187 20.40 -8.38 -2.53
C TRP A 187 19.33 -8.79 -1.51
N VAL A 188 19.74 -9.37 -0.38
CA VAL A 188 18.79 -9.76 0.66
C VAL A 188 18.43 -8.54 1.50
N SER A 189 17.17 -8.17 1.49
CA SER A 189 16.74 -7.03 2.29
C SER A 189 16.61 -7.42 3.77
N THR A 190 17.39 -6.76 4.62
CA THR A 190 17.29 -6.99 6.06
C THR A 190 16.59 -5.82 6.77
N GLU A 191 16.71 -4.63 6.19
CA GLU A 191 16.17 -3.40 6.78
C GLU A 191 14.66 -3.22 6.51
N TYR A 192 14.20 -3.73 5.37
CA TYR A 192 12.83 -3.49 4.92
C TYR A 192 12.02 -4.76 4.80
N VAL A 193 10.72 -4.62 5.04
CA VAL A 193 9.76 -5.71 4.90
C VAL A 193 8.70 -5.23 3.95
N ARG A 194 8.34 -6.12 3.04
CA ARG A 194 7.46 -5.81 1.94
C ARG A 194 5.96 -6.07 2.23
N ALA A 195 5.71 -7.10 3.02
CA ALA A 195 4.35 -7.50 3.36
C ALA A 195 4.40 -8.40 4.60
N CYS A 196 3.26 -8.62 5.23
CA CYS A 196 3.26 -9.44 6.46
C CYS A 196 1.99 -10.25 6.56
N PRO A 197 2.03 -11.36 7.32
CA PRO A 197 0.81 -12.15 7.52
C PRO A 197 -0.36 -11.28 7.95
N GLY A 198 -1.52 -11.53 7.35
CA GLY A 198 -2.72 -10.76 7.64
C GLY A 198 -2.84 -9.51 6.78
N GLY A 199 -1.78 -9.26 6.02
CA GLY A 199 -1.74 -8.11 5.13
C GLY A 199 -2.10 -8.44 3.68
N THR A 200 -1.43 -7.76 2.76
CA THR A 200 -1.84 -7.72 1.35
C THR A 200 -0.88 -8.40 0.39
N GLY A 201 0.07 -9.14 0.93
CA GLY A 201 1.14 -9.75 0.13
C GLY A 201 0.71 -10.88 -0.80
N ALA A 202 -0.43 -11.52 -0.55
CA ALA A 202 -0.93 -12.54 -1.47
C ALA A 202 -1.79 -11.87 -2.55
N ALA A 203 -1.96 -10.56 -2.46
CA ALA A 203 -2.67 -9.80 -3.49
C ALA A 203 -1.70 -9.06 -4.40
N LYS A 204 -2.06 -8.88 -5.67
CA LYS A 204 -1.24 -8.04 -6.56
C LYS A 204 -1.74 -6.61 -6.44
N PHE A 205 -1.21 -5.95 -5.42
CA PHE A 205 -1.73 -4.66 -4.95
C PHE A 205 -0.61 -3.63 -5.00
N GLY A 206 -0.89 -2.49 -5.63
CA GLY A 206 0.12 -1.46 -5.83
C GLY A 206 0.91 -1.11 -4.58
N GLY A 207 0.24 -1.15 -3.43
CA GLY A 207 0.91 -0.80 -2.17
C GLY A 207 2.11 -1.68 -1.82
N ASN A 208 2.06 -2.94 -2.21
CA ASN A 208 3.18 -3.84 -1.94
C ASN A 208 4.45 -3.35 -2.67
N TYR A 209 4.25 -2.83 -3.89
CA TYR A 209 5.35 -2.41 -4.74
C TYR A 209 5.91 -1.07 -4.28
N ALA A 210 5.03 -0.20 -3.82
CA ALA A 210 5.45 1.08 -3.23
C ALA A 210 6.37 0.87 -2.05
N ALA A 211 5.98 -0.05 -1.18
CA ALA A 211 6.76 -0.35 0.03
C ALA A 211 8.15 -0.91 -0.31
N SER A 212 8.33 -1.42 -1.53
CA SER A 212 9.59 -2.05 -1.96
C SER A 212 10.63 -1.16 -2.63
N LEU A 213 10.27 0.08 -2.93
CA LEU A 213 11.12 0.96 -3.73
C LEU A 213 12.46 1.26 -3.11
N LEU A 214 12.49 1.53 -1.81
CA LEU A 214 13.76 1.86 -1.17
C LEU A 214 14.76 0.72 -1.14
N ALA A 215 14.26 -0.49 -0.96
CA ALA A 215 15.15 -1.66 -1.01
C ALA A 215 15.70 -1.92 -2.40
N GLN A 216 14.90 -1.59 -3.39
CA GLN A 216 15.21 -1.88 -4.79
C GLN A 216 16.29 -0.89 -5.28
N ALA A 217 16.25 0.36 -4.78
CA ALA A 217 17.40 1.30 -4.86
C ALA A 217 18.66 0.89 -4.04
N GLU A 218 18.47 0.29 -2.87
CA GLU A 218 19.61 -0.11 -2.05
C GLU A 218 20.34 -1.30 -2.67
N ALA A 219 19.59 -2.13 -3.40
CA ALA A 219 20.19 -3.24 -4.12
C ALA A 219 21.15 -2.73 -5.18
N ALA A 220 20.63 -1.89 -6.07
CA ALA A 220 21.43 -1.30 -7.15
C ALA A 220 22.65 -0.56 -6.61
N GLU A 221 22.56 -0.06 -5.39
CA GLU A 221 23.69 0.63 -4.75
C GLU A 221 24.69 -0.39 -4.20
N ASN A 222 24.35 -1.66 -4.27
CA ASN A 222 25.26 -2.73 -3.91
C ASN A 222 25.59 -3.57 -5.15
N GLY A 223 25.21 -3.04 -6.31
CA GLY A 223 25.48 -3.67 -7.60
C GLY A 223 24.68 -4.93 -7.84
N CYS A 224 23.59 -5.09 -7.10
CA CYS A 224 22.71 -6.24 -7.30
C CYS A 224 21.55 -5.89 -8.19
N ASP A 225 21.06 -6.91 -8.90
CA ASP A 225 20.00 -6.74 -9.89
C ASP A 225 18.61 -6.74 -9.26
N GLN A 226 18.43 -7.54 -8.21
CA GLN A 226 17.10 -7.73 -7.62
C GLN A 226 17.19 -7.88 -6.12
N VAL A 227 16.04 -7.76 -5.47
CA VAL A 227 15.93 -7.91 -4.02
C VAL A 227 15.24 -9.23 -3.68
N VAL A 228 15.76 -9.97 -2.68
CA VAL A 228 15.01 -11.07 -2.12
C VAL A 228 14.52 -10.63 -0.75
N TRP A 229 13.24 -10.85 -0.52
CA TRP A 229 12.54 -10.38 0.67
C TRP A 229 12.43 -11.51 1.71
N LEU A 230 12.49 -11.14 2.98
CA LEU A 230 12.39 -12.10 4.08
C LEU A 230 11.10 -11.89 4.85
N ASP A 231 10.70 -12.90 5.62
CA ASP A 231 9.37 -12.89 6.25
C ASP A 231 9.33 -11.87 7.38
N ALA A 232 8.16 -11.30 7.59
CA ALA A 232 7.99 -10.20 8.52
C ALA A 232 8.16 -10.61 9.99
N VAL A 233 7.70 -11.82 10.30
CA VAL A 233 7.65 -12.24 11.70
C VAL A 233 9.02 -12.61 12.27
N GLU A 234 9.74 -13.49 11.60
CA GLU A 234 11.04 -13.96 12.08
C GLU A 234 12.24 -13.39 11.30
N ARG A 235 11.96 -12.61 10.25
CA ARG A 235 13.01 -11.93 9.47
C ARG A 235 14.10 -12.89 9.01
N ARG A 236 13.68 -14.08 8.57
CA ARG A 236 14.57 -15.20 8.28
C ARG A 236 14.19 -15.93 7.01
N TYR A 237 12.89 -16.18 6.86
CA TYR A 237 12.41 -17.09 5.81
C TYR A 237 12.26 -16.38 4.50
N ILE A 238 12.80 -17.04 3.47
CA ILE A 238 12.77 -16.52 2.13
C ILE A 238 11.32 -16.42 1.69
N GLU A 239 10.96 -15.28 1.13
CA GLU A 239 9.61 -15.11 0.57
C GLU A 239 9.62 -15.15 -0.97
N GLU A 240 10.06 -14.05 -1.57
CA GLU A 240 10.09 -13.91 -3.03
C GLU A 240 11.01 -12.77 -3.40
N MET A 241 11.18 -12.56 -4.69
CA MET A 241 11.85 -11.34 -5.14
C MET A 241 10.83 -10.23 -5.39
N GLY A 242 11.31 -9.05 -5.78
CA GLY A 242 10.41 -7.93 -6.01
C GLY A 242 9.30 -8.17 -7.02
N GLY A 243 9.59 -8.94 -8.06
CA GLY A 243 8.61 -9.19 -9.11
C GLY A 243 8.64 -10.62 -9.63
N MET A 244 9.19 -11.53 -8.81
CA MET A 244 9.34 -12.93 -9.19
C MET A 244 9.30 -13.84 -7.98
N ASN A 245 8.87 -15.10 -8.18
CA ASN A 245 9.04 -16.13 -7.15
C ASN A 245 10.41 -16.76 -7.26
N ILE A 246 10.78 -17.56 -6.26
CA ILE A 246 12.14 -18.13 -6.24
C ILE A 246 12.11 -19.64 -5.99
N PHE A 247 12.94 -20.35 -6.75
CA PHE A 247 13.11 -21.78 -6.65
C PHE A 247 14.57 -22.14 -6.34
N PHE A 248 14.76 -23.24 -5.62
CA PHE A 248 16.06 -23.81 -5.30
C PHE A 248 16.13 -25.23 -5.87
N VAL A 249 17.24 -25.57 -6.51
CA VAL A 249 17.48 -26.94 -6.95
C VAL A 249 18.51 -27.57 -6.02
N LEU A 250 18.17 -28.74 -5.47
CA LEU A 250 19.07 -29.45 -4.57
C LEU A 250 19.50 -30.76 -5.21
N GLY A 251 20.80 -31.03 -5.17
CA GLY A 251 21.34 -32.23 -5.79
C GLY A 251 21.41 -32.06 -7.29
N SER A 252 21.61 -33.16 -8.00
CA SER A 252 21.65 -33.10 -9.45
C SER A 252 21.33 -34.44 -10.10
N GLY A 253 21.19 -34.43 -11.43
CA GLY A 253 20.80 -35.60 -12.18
C GLY A 253 19.37 -36.02 -11.90
N GLY A 254 19.10 -37.32 -11.99
CA GLY A 254 17.79 -37.84 -11.65
C GLY A 254 17.45 -37.63 -10.18
N SER A 255 18.49 -37.44 -9.36
CA SER A 255 18.32 -37.23 -7.92
C SER A 255 18.01 -35.76 -7.54
N ALA A 256 18.02 -34.87 -8.52
CA ALA A 256 17.76 -33.45 -8.25
C ALA A 256 16.31 -33.25 -7.85
N ARG A 257 16.09 -32.32 -6.91
CA ARG A 257 14.75 -32.00 -6.44
C ARG A 257 14.57 -30.49 -6.27
N LEU A 258 13.31 -30.05 -6.31
CA LEU A 258 12.99 -28.63 -6.26
C LEU A 258 12.45 -28.24 -4.90
N VAL A 259 12.87 -27.07 -4.41
CA VAL A 259 12.35 -26.51 -3.17
C VAL A 259 11.95 -25.08 -3.47
N THR A 260 10.76 -24.68 -3.01
CA THR A 260 10.29 -23.31 -3.17
C THR A 260 9.51 -22.91 -1.92
N PRO A 261 9.59 -21.63 -1.50
CA PRO A 261 8.86 -21.18 -0.33
C PRO A 261 7.38 -21.48 -0.46
N GLU A 262 6.80 -22.08 0.58
CA GLU A 262 5.38 -22.33 0.62
C GLU A 262 4.61 -21.02 0.59
N LEU A 263 3.36 -21.06 0.14
CA LEU A 263 2.55 -19.84 0.15
C LEU A 263 2.32 -19.44 1.60
N SER A 264 3.02 -18.41 2.03
CA SER A 264 3.03 -17.97 3.43
C SER A 264 1.83 -17.12 3.77
N GLY A 265 1.14 -16.61 2.76
CA GLY A 265 0.09 -15.62 2.97
C GLY A 265 0.61 -14.23 2.71
N SER A 266 1.93 -14.07 2.62
CA SER A 266 2.50 -12.74 2.44
C SER A 266 3.39 -12.65 1.20
N LEU A 267 3.34 -13.69 0.37
CA LEU A 267 4.01 -13.64 -0.92
C LEU A 267 3.03 -14.02 -2.04
N LEU A 268 3.34 -13.63 -3.26
CA LEU A 268 2.39 -13.77 -4.38
C LEU A 268 2.37 -15.21 -4.91
N PRO A 269 1.18 -15.79 -5.04
CA PRO A 269 1.05 -17.09 -5.72
C PRO A 269 1.19 -16.88 -7.24
N GLY A 270 2.44 -16.83 -7.69
CA GLY A 270 2.74 -16.57 -9.09
C GLY A 270 2.20 -17.68 -9.96
N ILE A 271 1.74 -17.30 -11.14
CA ILE A 271 1.21 -18.29 -12.08
C ILE A 271 2.37 -19.06 -12.74
N THR A 272 3.53 -18.43 -12.90
CA THR A 272 4.70 -19.14 -13.44
C THR A 272 5.17 -20.18 -12.42
N ARG A 273 5.25 -19.75 -11.15
CA ARG A 273 5.53 -20.66 -10.04
C ARG A 273 4.61 -21.87 -10.02
N ASP A 274 3.30 -21.62 -10.08
CA ASP A 274 2.34 -22.70 -10.12
C ASP A 274 2.59 -23.66 -11.28
N SER A 275 2.79 -23.09 -12.47
CA SER A 275 3.03 -23.90 -13.66
C SER A 275 4.28 -24.76 -13.52
N LEU A 276 5.34 -24.16 -12.98
CA LEU A 276 6.62 -24.87 -12.87
C LEU A 276 6.54 -26.03 -11.86
N LEU A 277 5.77 -25.84 -10.79
CA LEU A 277 5.51 -26.94 -9.88
C LEU A 277 4.92 -28.12 -10.64
N GLN A 278 3.93 -27.84 -11.47
CA GLN A 278 3.25 -28.88 -12.23
C GLN A 278 4.19 -29.53 -13.25
N LEU A 279 5.01 -28.72 -13.93
CA LEU A 279 5.93 -29.25 -14.94
C LEU A 279 7.05 -30.08 -14.33
N ALA A 280 7.52 -29.67 -13.14
CA ALA A 280 8.60 -30.41 -12.47
C ALA A 280 8.09 -31.80 -12.06
N ILE A 281 6.90 -31.82 -11.49
CA ILE A 281 6.22 -33.08 -11.18
C ILE A 281 6.06 -33.91 -12.47
N ASP A 282 5.70 -33.28 -13.59
CA ASP A 282 5.56 -34.01 -14.86
C ASP A 282 6.87 -34.66 -15.28
N ALA A 283 7.98 -33.99 -15.01
CA ALA A 283 9.30 -34.47 -15.43
C ALA A 283 9.94 -35.40 -14.39
N GLY A 284 9.22 -35.70 -13.30
CA GLY A 284 9.71 -36.67 -12.33
C GLY A 284 10.53 -36.11 -11.18
N PHE A 285 10.59 -34.78 -11.07
CA PHE A 285 11.33 -34.15 -9.98
C PHE A 285 10.50 -34.14 -8.72
N ALA A 286 11.10 -34.50 -7.60
CA ALA A 286 10.45 -34.27 -6.33
C ALA A 286 10.37 -32.76 -6.12
N VAL A 287 9.25 -32.29 -5.57
CA VAL A 287 9.07 -30.87 -5.25
C VAL A 287 8.58 -30.71 -3.80
N GLU A 288 9.15 -29.73 -3.10
CA GLU A 288 8.79 -29.42 -1.72
C GLU A 288 8.42 -27.98 -1.66
N GLU A 289 7.19 -27.70 -1.25
CA GLU A 289 6.82 -26.37 -0.85
C GLU A 289 6.95 -26.32 0.66
N ARG A 290 7.88 -25.51 1.17
CA ARG A 290 8.13 -25.46 2.61
C ARG A 290 8.80 -24.14 2.96
N ARG A 291 9.16 -23.96 4.22
CA ARG A 291 9.94 -22.79 4.61
C ARG A 291 11.42 -23.06 4.41
N ILE A 292 12.15 -22.05 3.97
CA ILE A 292 13.60 -22.16 3.84
C ILE A 292 14.15 -20.79 4.23
N ASP A 293 15.08 -20.74 5.19
CA ASP A 293 15.62 -19.44 5.61
C ASP A 293 16.97 -19.18 4.99
N ILE A 294 17.42 -17.94 5.14
CA ILE A 294 18.64 -17.48 4.52
C ILE A 294 19.85 -18.29 5.02
N ASP A 295 19.86 -18.66 6.30
CA ASP A 295 20.94 -19.50 6.82
C ASP A 295 21.02 -20.87 6.11
N GLU A 296 19.88 -21.54 5.93
CA GLU A 296 19.87 -22.80 5.19
C GLU A 296 20.33 -22.62 3.74
N TRP A 297 19.95 -21.52 3.13
CA TRP A 297 20.36 -21.22 1.76
C TRP A 297 21.88 -21.13 1.69
N GLN A 298 22.45 -20.29 2.55
CA GLN A 298 23.89 -20.06 2.52
C GLN A 298 24.67 -21.34 2.83
N LYS A 299 24.23 -22.06 3.86
CA LYS A 299 24.91 -23.26 4.28
C LYS A 299 24.87 -24.34 3.20
N LYS A 300 23.69 -24.60 2.65
CA LYS A 300 23.55 -25.64 1.64
C LYS A 300 24.20 -25.26 0.30
N ALA A 301 24.28 -23.95 0.01
CA ALA A 301 24.96 -23.52 -1.21
C ALA A 301 26.47 -23.75 -1.06
N ALA A 302 27.00 -23.41 0.11
CA ALA A 302 28.42 -23.56 0.38
C ALA A 302 28.85 -25.02 0.29
N ALA A 303 28.01 -25.90 0.83
CA ALA A 303 28.23 -27.35 0.81
C ALA A 303 27.96 -28.00 -0.55
N GLY A 304 27.41 -27.23 -1.48
CA GLY A 304 27.12 -27.75 -2.81
C GLY A 304 25.88 -28.64 -2.89
N GLU A 305 25.05 -28.63 -1.85
CA GLU A 305 23.79 -29.37 -1.92
C GLU A 305 22.78 -28.56 -2.72
N ILE A 306 22.72 -27.24 -2.50
CA ILE A 306 21.98 -26.38 -3.41
C ILE A 306 22.85 -26.13 -4.62
N THR A 307 22.42 -26.64 -5.77
CA THR A 307 23.21 -26.55 -6.99
C THR A 307 22.74 -25.47 -7.98
N GLU A 308 21.46 -25.09 -7.89
CA GLU A 308 20.90 -24.01 -8.74
C GLU A 308 19.88 -23.19 -7.96
N VAL A 309 19.75 -21.92 -8.35
CA VAL A 309 18.67 -21.07 -7.85
C VAL A 309 18.13 -20.31 -9.04
N PHE A 310 16.82 -20.19 -9.14
CA PHE A 310 16.27 -19.38 -10.21
C PHE A 310 15.03 -18.62 -9.74
N ALA A 311 14.74 -17.54 -10.45
CA ALA A 311 13.57 -16.72 -10.21
C ALA A 311 12.63 -16.90 -11.39
N CYS A 312 11.32 -16.81 -11.13
CA CYS A 312 10.35 -17.01 -12.20
C CYS A 312 9.21 -15.99 -12.16
N GLY A 313 8.68 -15.70 -13.35
CA GLY A 313 7.65 -14.70 -13.48
C GLY A 313 7.28 -14.55 -14.93
N THR A 314 6.20 -13.81 -15.16
CA THR A 314 5.64 -13.66 -16.49
C THR A 314 6.62 -13.06 -17.50
N ALA A 315 7.29 -11.97 -17.14
CA ALA A 315 8.15 -11.25 -18.10
C ALA A 315 9.34 -12.06 -18.61
N ALA A 316 10.14 -12.60 -17.68
CA ALA A 316 11.41 -13.28 -18.03
C ALA A 316 11.29 -14.80 -18.10
N VAL A 317 10.11 -15.32 -17.72
CA VAL A 317 9.83 -16.73 -17.57
C VAL A 317 10.66 -17.35 -16.45
N ILE A 318 11.95 -17.58 -16.70
CA ILE A 318 12.89 -18.02 -15.67
C ILE A 318 14.21 -17.27 -15.82
N THR A 319 14.76 -16.82 -14.70
CA THR A 319 16.01 -16.06 -14.68
C THR A 319 16.94 -16.76 -13.67
N PRO A 320 18.08 -17.28 -14.15
CA PRO A 320 19.04 -17.86 -13.19
C PRO A 320 19.55 -16.85 -12.16
N VAL A 321 19.76 -17.32 -10.94
CA VAL A 321 20.39 -16.53 -9.89
C VAL A 321 21.81 -17.02 -9.64
N ALA A 322 22.79 -16.13 -9.83
CA ALA A 322 24.19 -16.54 -9.82
C ALA A 322 24.88 -16.28 -8.48
N ARG A 323 24.49 -15.19 -7.82
CA ARG A 323 25.10 -14.83 -6.55
C ARG A 323 24.19 -14.03 -5.64
N VAL A 324 24.54 -14.00 -4.36
CA VAL A 324 23.69 -13.47 -3.30
C VAL A 324 24.52 -12.53 -2.42
N ARG A 325 24.03 -11.32 -2.17
CA ARG A 325 24.61 -10.48 -1.14
C ARG A 325 23.70 -10.40 0.10
N HIS A 326 24.24 -10.74 1.27
CA HIS A 326 23.49 -10.70 2.53
C HIS A 326 24.28 -9.89 3.57
N GLY A 327 23.96 -8.59 3.65
CA GLY A 327 24.75 -7.68 4.47
C GLY A 327 26.15 -7.53 3.91
N ALA A 328 27.13 -7.92 4.70
CA ALA A 328 28.54 -7.79 4.31
C ALA A 328 28.99 -8.97 3.46
N SER A 329 28.35 -10.10 3.65
CA SER A 329 28.78 -11.32 2.97
C SER A 329 28.21 -11.45 1.55
N GLU A 330 28.91 -12.24 0.75
CA GLU A 330 28.50 -12.60 -0.61
C GLU A 330 28.74 -14.09 -0.80
N PHE A 331 27.89 -14.74 -1.60
CA PHE A 331 28.17 -16.13 -1.93
C PHE A 331 27.59 -16.49 -3.29
N ARG A 332 28.26 -17.43 -3.94
CA ARG A 332 27.97 -17.80 -5.32
C ARG A 332 27.20 -19.10 -5.35
N ILE A 333 26.26 -19.20 -6.28
CA ILE A 333 25.54 -20.46 -6.48
C ILE A 333 26.30 -21.31 -7.48
N ALA A 334 26.80 -22.46 -7.02
CA ALA A 334 27.63 -23.35 -7.84
C ALA A 334 28.73 -22.56 -8.53
N ASP A 335 28.91 -22.76 -9.83
CA ASP A 335 29.92 -22.02 -10.59
C ASP A 335 29.42 -20.67 -11.13
N GLY A 336 28.23 -20.23 -10.68
CA GLY A 336 27.67 -18.98 -11.16
C GLY A 336 26.98 -19.02 -12.52
N GLN A 337 26.96 -20.20 -13.14
CA GLN A 337 26.39 -20.34 -14.47
C GLN A 337 24.98 -20.90 -14.39
N PRO A 338 24.19 -20.72 -15.47
CA PRO A 338 22.83 -21.26 -15.50
C PRO A 338 22.82 -22.76 -15.29
N GLY A 339 21.92 -23.20 -14.41
CA GLY A 339 21.87 -24.58 -13.98
C GLY A 339 21.14 -25.47 -14.98
N GLU A 340 21.39 -26.77 -14.88
CA GLU A 340 20.79 -27.74 -15.78
C GLU A 340 19.27 -27.79 -15.67
N VAL A 341 18.76 -27.88 -14.44
CA VAL A 341 17.32 -28.06 -14.27
C VAL A 341 16.65 -26.73 -14.60
N THR A 342 17.31 -25.66 -14.21
CA THR A 342 16.84 -24.30 -14.51
C THR A 342 16.53 -24.14 -15.99
N MET A 343 17.48 -24.48 -16.85
CA MET A 343 17.24 -24.26 -18.27
C MET A 343 16.34 -25.30 -18.91
N ALA A 344 16.34 -26.52 -18.36
CA ALA A 344 15.42 -27.55 -18.84
C ALA A 344 13.96 -27.13 -18.61
N LEU A 345 13.63 -26.70 -17.40
CA LEU A 345 12.29 -26.23 -17.11
C LEU A 345 11.93 -25.03 -17.98
N ARG A 346 12.90 -24.14 -18.22
CA ARG A 346 12.62 -22.94 -18.99
C ARG A 346 12.31 -23.33 -20.44
N ASP A 347 13.06 -24.29 -20.98
CA ASP A 347 12.85 -24.74 -22.35
C ASP A 347 11.47 -25.38 -22.47
N THR A 348 11.04 -26.10 -21.44
CA THR A 348 9.74 -26.79 -21.50
C THR A 348 8.63 -25.76 -21.50
N LEU A 349 8.69 -24.82 -20.57
CA LEU A 349 7.61 -23.85 -20.44
C LEU A 349 7.53 -22.91 -21.66
N THR A 350 8.66 -22.39 -22.14
CA THR A 350 8.59 -21.51 -23.30
C THR A 350 8.14 -22.30 -24.54
N GLY A 351 8.48 -23.58 -24.60
CA GLY A 351 8.01 -24.42 -25.69
C GLY A 351 6.50 -24.51 -25.76
N ILE A 352 5.88 -24.75 -24.61
CA ILE A 352 4.42 -24.77 -24.52
C ILE A 352 3.83 -23.42 -24.94
N GLN A 353 4.40 -22.35 -24.38
CA GLN A 353 3.90 -21.01 -24.63
C GLN A 353 4.01 -20.60 -26.10
N ARG A 354 5.03 -21.12 -26.80
CA ARG A 354 5.23 -20.75 -28.21
C ARG A 354 4.52 -21.70 -29.16
N GLY A 355 3.90 -22.74 -28.61
CA GLY A 355 3.12 -23.69 -29.40
C GLY A 355 3.96 -24.74 -30.07
N THR A 356 5.19 -24.90 -29.60
CA THR A 356 6.14 -25.88 -30.14
C THR A 356 5.91 -27.27 -29.54
N PHE A 357 5.60 -27.30 -28.25
CA PHE A 357 5.36 -28.53 -27.49
C PHE A 357 3.91 -28.66 -27.03
N ALA A 358 3.42 -29.90 -27.03
CA ALA A 358 2.09 -30.25 -26.56
C ALA A 358 1.66 -29.52 -25.29
N ASP A 359 0.47 -28.95 -25.32
CA ASP A 359 -0.13 -28.24 -24.18
C ASP A 359 -0.96 -29.23 -23.34
N THR A 360 -0.27 -30.11 -22.60
CA THR A 360 -0.96 -31.28 -22.01
C THR A 360 -1.93 -30.85 -20.91
N HIS A 361 -1.76 -29.62 -20.41
CA HIS A 361 -2.63 -29.16 -19.34
C HIS A 361 -3.73 -28.20 -19.80
N GLY A 362 -3.73 -27.89 -21.10
CA GLY A 362 -4.74 -27.01 -21.64
C GLY A 362 -4.60 -25.59 -21.10
N TRP A 363 -3.36 -25.13 -20.97
CA TRP A 363 -3.03 -23.77 -20.52
C TRP A 363 -3.19 -22.67 -21.58
N MET A 364 -3.12 -23.04 -22.86
CA MET A 364 -3.13 -22.04 -23.91
C MET A 364 -4.54 -21.88 -24.42
N ALA A 365 -4.92 -20.64 -24.74
CA ALA A 365 -6.22 -20.36 -25.32
C ALA A 365 -6.10 -19.28 -26.40
N ARG A 366 -7.01 -19.29 -27.36
CA ARG A 366 -6.94 -18.34 -28.45
C ARG A 366 -7.57 -16.98 -28.08
N LEU A 367 -6.86 -15.91 -28.44
CA LEU A 367 -7.29 -14.52 -28.22
C LEU A 367 -7.69 -13.82 -29.51
N GLY A 368 -7.17 -14.30 -30.63
N GLY A 368 -7.15 -14.29 -30.62
CA GLY A 368 -7.45 -13.70 -31.92
CA GLY A 368 -7.37 -13.66 -31.92
C GLY A 368 -6.62 -14.27 -33.04
C GLY A 368 -6.65 -14.37 -33.04
N TYR B 34 -17.19 17.55 -0.30
CA TYR B 34 -17.21 18.87 -0.93
C TYR B 34 -15.81 19.48 -0.89
N HIS B 35 -15.63 20.56 -1.64
CA HIS B 35 -14.33 21.19 -1.78
C HIS B 35 -14.52 22.68 -1.98
N THR B 36 -13.45 23.46 -1.77
CA THR B 36 -13.50 24.90 -2.02
C THR B 36 -13.25 25.19 -3.50
N ASP B 37 -13.09 26.48 -3.82
CA ASP B 37 -13.00 26.94 -5.21
C ASP B 37 -11.69 26.62 -5.92
N HIS B 38 -10.59 26.62 -5.18
CA HIS B 38 -9.27 26.57 -5.81
C HIS B 38 -8.45 25.42 -5.25
N MET B 39 -7.34 25.12 -5.90
CA MET B 39 -6.33 24.20 -5.38
C MET B 39 -4.95 24.68 -5.75
N VAL B 40 -3.95 24.25 -5.00
CA VAL B 40 -2.57 24.61 -5.31
C VAL B 40 -1.91 23.42 -6.00
N SER B 41 -1.23 23.67 -7.11
CA SER B 41 -0.56 22.62 -7.88
C SER B 41 0.92 22.90 -7.97
N ILE B 42 1.73 21.88 -7.70
CA ILE B 42 3.17 21.98 -7.83
C ILE B 42 3.71 20.76 -8.58
N ASP B 43 4.62 20.97 -9.53
CA ASP B 43 5.14 19.82 -10.27
C ASP B 43 6.55 19.44 -9.86
N TYR B 44 6.88 18.16 -10.00
CA TYR B 44 8.25 17.68 -9.86
C TYR B 44 8.72 17.05 -11.16
N ALA B 45 9.92 17.45 -11.57
CA ALA B 45 10.64 16.82 -12.68
C ALA B 45 12.13 16.86 -12.35
N GLU B 46 12.93 15.90 -12.83
CA GLU B 46 14.34 15.80 -12.37
C GLU B 46 15.27 16.99 -12.70
N GLY B 47 14.94 17.79 -13.71
CA GLY B 47 15.77 18.94 -14.01
C GLY B 47 15.37 20.15 -13.18
N ARG B 48 14.09 20.22 -12.89
CA ARG B 48 13.57 21.42 -12.26
C ARG B 48 13.38 21.24 -10.76
N GLY B 49 13.38 20.00 -10.27
CA GLY B 49 12.96 19.78 -8.89
C GLY B 49 11.50 20.16 -8.78
N TRP B 50 11.07 20.59 -7.58
CA TRP B 50 9.71 21.05 -7.36
C TRP B 50 9.56 22.48 -7.88
N HIS B 51 8.56 22.71 -8.72
CA HIS B 51 8.42 23.99 -9.42
C HIS B 51 7.02 24.22 -9.95
N ASN B 52 6.82 25.39 -10.56
CA ASN B 52 5.54 25.76 -11.16
C ASN B 52 4.40 25.71 -10.12
N ALA B 53 4.67 26.15 -8.90
CA ALA B 53 3.60 26.30 -7.89
C ALA B 53 2.57 27.33 -8.37
N ARG B 54 1.30 26.97 -8.36
CA ARG B 54 0.28 27.83 -8.95
C ARG B 54 -1.08 27.53 -8.34
N VAL B 55 -1.88 28.58 -8.20
CA VAL B 55 -3.26 28.48 -7.72
C VAL B 55 -4.18 28.38 -8.92
N ILE B 56 -4.97 27.31 -8.97
CA ILE B 56 -5.86 27.09 -10.11
C ILE B 56 -7.23 26.69 -9.58
N PRO B 57 -8.26 26.79 -10.42
CA PRO B 57 -9.55 26.33 -9.90
C PRO B 57 -9.49 24.84 -9.56
N TYR B 58 -10.26 24.44 -8.55
CA TYR B 58 -10.47 23.01 -8.28
C TYR B 58 -11.07 22.37 -9.53
N GLY B 59 -10.46 21.31 -10.04
CA GLY B 59 -11.01 20.68 -11.23
C GLY B 59 -10.30 19.38 -11.53
N PRO B 60 -10.77 18.65 -12.54
CA PRO B 60 -10.15 17.37 -12.89
C PRO B 60 -8.67 17.50 -13.25
N ILE B 61 -7.90 16.46 -12.97
CA ILE B 61 -6.52 16.41 -13.40
C ILE B 61 -6.30 15.23 -14.33
N GLU B 62 -5.23 15.28 -15.12
CA GLU B 62 -4.97 14.20 -16.07
C GLU B 62 -3.77 13.36 -15.71
N LEU B 63 -3.89 12.06 -16.02
CA LEU B 63 -2.81 11.08 -15.87
C LEU B 63 -2.73 10.23 -17.10
N ASP B 64 -1.50 9.88 -17.51
CA ASP B 64 -1.27 8.84 -18.51
C ASP B 64 -1.76 7.51 -17.94
N PRO B 65 -2.33 6.63 -18.79
CA PRO B 65 -2.80 5.35 -18.20
C PRO B 65 -1.69 4.58 -17.48
N SER B 66 -0.43 4.79 -17.85
CA SER B 66 0.67 4.09 -17.20
CA SER B 66 0.72 4.13 -17.25
C SER B 66 1.33 4.91 -16.11
N ALA B 67 0.65 5.99 -15.68
CA ALA B 67 1.18 6.78 -14.54
C ALA B 67 1.41 5.86 -13.34
N ILE B 68 2.59 5.97 -12.75
CA ILE B 68 3.02 5.03 -11.73
C ILE B 68 2.03 4.96 -10.56
N VAL B 69 1.37 6.06 -10.21
CA VAL B 69 0.45 6.02 -9.07
C VAL B 69 -0.67 5.00 -9.33
N LEU B 70 -1.02 4.74 -10.59
CA LEU B 70 -2.20 3.92 -10.91
C LEU B 70 -1.91 2.42 -10.85
N HIS B 71 -0.63 2.10 -10.73
CA HIS B 71 -0.13 0.74 -10.75
C HIS B 71 0.61 0.37 -9.48
N TYR B 72 1.47 1.27 -9.01
CA TYR B 72 2.34 0.94 -7.88
C TYR B 72 2.17 1.87 -6.69
N ALA B 73 1.10 2.67 -6.69
CA ALA B 73 0.67 3.38 -5.49
C ALA B 73 1.73 4.27 -4.85
N GLN B 74 2.60 4.86 -5.65
CA GLN B 74 3.63 5.72 -5.06
C GLN B 74 3.05 7.10 -4.74
N GLU B 75 2.62 7.30 -3.49
CA GLU B 75 1.83 8.48 -3.10
C GLU B 75 1.94 8.64 -1.59
N VAL B 76 1.86 9.88 -1.08
CA VAL B 76 1.82 10.10 0.37
C VAL B 76 0.97 11.33 0.61
N PHE B 77 0.47 11.52 1.84
CA PHE B 77 -0.42 12.65 2.06
C PHE B 77 -0.36 13.17 3.49
N GLU B 78 -0.98 14.34 3.69
CA GLU B 78 -1.10 14.92 5.03
C GLU B 78 -2.53 15.36 5.33
N GLY B 79 -2.76 15.88 6.53
CA GLY B 79 -4.05 16.47 6.85
C GLY B 79 -3.87 17.38 8.03
N LEU B 80 -4.47 18.57 7.94
CA LEU B 80 -4.40 19.57 9.01
C LEU B 80 -5.52 20.58 8.76
N LYS B 81 -5.79 21.42 9.73
CA LYS B 81 -6.86 22.38 9.59
C LYS B 81 -6.42 23.83 9.57
N ALA B 82 -7.28 24.65 9.00
CA ALA B 82 -7.16 26.10 9.15
C ALA B 82 -8.35 26.58 9.99
N TYR B 83 -8.06 27.35 11.03
CA TYR B 83 -9.07 27.83 11.97
C TYR B 83 -9.27 29.33 11.86
N ARG B 84 -10.53 29.78 11.87
CA ARG B 84 -10.81 31.20 11.98
C ARG B 84 -10.95 31.61 13.44
N TRP B 85 -10.32 32.72 13.83
CA TRP B 85 -10.42 33.15 15.21
C TRP B 85 -11.36 34.34 15.34
N ALA B 86 -11.70 34.67 16.59
CA ALA B 86 -12.57 35.81 16.87
C ALA B 86 -12.08 37.11 16.24
N ASP B 87 -10.77 37.31 16.16
CA ASP B 87 -10.27 38.56 15.61
C ASP B 87 -10.18 38.59 14.09
N GLY B 88 -10.68 37.56 13.42
CA GLY B 88 -10.70 37.55 11.96
C GLY B 88 -9.55 36.82 11.28
N SER B 89 -8.48 36.51 12.03
CA SER B 89 -7.31 35.85 11.46
C SER B 89 -7.60 34.37 11.18
N ILE B 90 -6.88 33.81 10.21
CA ILE B 90 -6.86 32.36 9.96
C ILE B 90 -5.55 31.82 10.50
N VAL B 91 -5.59 30.74 11.28
CA VAL B 91 -4.36 30.19 11.85
C VAL B 91 -4.22 28.69 11.55
N SER B 92 -2.98 28.21 11.64
CA SER B 92 -2.69 26.77 11.56
C SER B 92 -2.23 26.28 12.94
N PHE B 93 -2.43 24.99 13.20
CA PHE B 93 -1.98 24.31 14.40
C PHE B 93 -0.79 23.39 14.04
N ARG B 94 0.40 23.74 14.51
CA ARG B 94 1.60 22.91 14.29
C ARG B 94 1.82 22.52 12.84
N ALA B 95 1.55 23.44 11.91
CA ALA B 95 1.72 23.11 10.48
C ALA B 95 3.17 22.75 10.12
N ASP B 96 4.12 23.26 10.90
CA ASP B 96 5.53 22.88 10.76
C ASP B 96 5.76 21.38 10.94
N ALA B 97 4.97 20.77 11.82
CA ALA B 97 5.05 19.33 12.10
C ALA B 97 4.53 18.53 10.91
N ASN B 98 3.45 18.99 10.29
CA ASN B 98 2.94 18.36 9.08
C ASN B 98 3.92 18.47 7.93
N ALA B 99 4.52 19.64 7.78
CA ALA B 99 5.49 19.82 6.70
C ALA B 99 6.59 18.78 6.80
N ALA B 100 7.15 18.62 8.00
CA ALA B 100 8.24 17.66 8.23
C ALA B 100 7.78 16.21 8.10
N ARG B 101 6.55 15.89 8.53
CA ARG B 101 6.07 14.51 8.42
C ARG B 101 5.79 14.13 6.94
N LEU B 102 5.35 15.09 6.13
CA LEU B 102 5.16 14.81 4.68
C LEU B 102 6.52 14.47 4.07
N ARG B 103 7.58 15.14 4.53
CA ARG B 103 8.94 14.78 4.08
C ARG B 103 9.34 13.38 4.55
N SER B 104 9.07 13.04 5.81
CA SER B 104 9.41 11.72 6.35
CA SER B 104 9.49 11.73 6.27
C SER B 104 8.66 10.64 5.57
N SER B 105 7.39 10.91 5.28
CA SER B 105 6.56 9.96 4.51
C SER B 105 7.14 9.81 3.11
N ALA B 106 7.41 10.95 2.46
CA ALA B 106 8.04 10.97 1.14
C ALA B 106 9.32 10.13 1.12
N ARG B 107 10.18 10.31 2.12
CA ARG B 107 11.46 9.59 2.13
C ARG B 107 11.23 8.08 2.12
N ARG B 108 10.29 7.60 2.92
CA ARG B 108 10.05 6.16 3.02
C ARG B 108 9.47 5.59 1.71
N LEU B 109 8.77 6.43 0.96
CA LEU B 109 8.14 5.98 -0.31
C LEU B 109 8.99 6.34 -1.54
N ALA B 110 10.24 6.71 -1.31
CA ALA B 110 11.19 7.05 -2.37
C ALA B 110 10.71 8.22 -3.25
N ILE B 111 10.07 9.20 -2.61
CA ILE B 111 9.52 10.37 -3.28
C ILE B 111 10.41 11.55 -2.92
N PRO B 112 10.81 12.38 -3.90
CA PRO B 112 11.62 13.56 -3.52
C PRO B 112 10.87 14.46 -2.55
N GLU B 113 11.54 14.87 -1.48
CA GLU B 113 10.89 15.66 -0.44
C GLU B 113 10.47 17.03 -0.90
N LEU B 114 9.28 17.46 -0.49
CA LEU B 114 8.83 18.83 -0.73
C LEU B 114 9.39 19.70 0.42
N PRO B 115 10.19 20.73 0.06
CA PRO B 115 10.80 21.54 1.15
C PRO B 115 9.74 22.17 2.06
N ASP B 116 10.04 22.22 3.35
CA ASP B 116 9.08 22.72 4.32
C ASP B 116 8.57 24.11 3.93
N ALA B 117 9.46 24.98 3.44
CA ALA B 117 9.02 26.33 3.04
C ALA B 117 8.00 26.32 1.89
N VAL B 118 8.12 25.36 0.98
CA VAL B 118 7.20 25.29 -0.13
C VAL B 118 5.84 24.75 0.36
N PHE B 119 5.86 23.80 1.29
CA PHE B 119 4.66 23.26 1.93
C PHE B 119 3.87 24.39 2.65
N ILE B 120 4.53 25.10 3.55
CA ILE B 120 3.89 26.21 4.27
C ILE B 120 3.35 27.25 3.29
N GLU B 121 4.15 27.60 2.28
CA GLU B 121 3.71 28.61 1.32
C GLU B 121 2.44 28.14 0.59
N SER B 122 2.33 26.85 0.30
CA SER B 122 1.12 26.36 -0.38
C SER B 122 -0.12 26.56 0.49
N LEU B 123 0.01 26.40 1.81
CA LEU B 123 -1.12 26.65 2.74
C LEU B 123 -1.53 28.11 2.66
N ARG B 124 -0.54 29.00 2.69
CA ARG B 124 -0.80 30.43 2.59
C ARG B 124 -1.43 30.80 1.25
N GLN B 125 -0.97 30.18 0.16
CA GLN B 125 -1.51 30.46 -1.17
C GLN B 125 -2.98 30.12 -1.28
N LEU B 126 -3.36 28.97 -0.75
CA LEU B 126 -4.77 28.56 -0.84
C LEU B 126 -5.65 29.41 0.09
N ILE B 127 -5.18 29.66 1.30
CA ILE B 127 -5.97 30.47 2.23
C ILE B 127 -6.19 31.88 1.70
N ALA B 128 -5.17 32.40 1.01
CA ALA B 128 -5.26 33.73 0.43
C ALA B 128 -6.44 33.90 -0.54
N VAL B 129 -6.71 32.89 -1.38
CA VAL B 129 -7.82 33.04 -2.32
C VAL B 129 -9.13 32.43 -1.80
N ASP B 130 -9.06 31.46 -0.89
CA ASP B 130 -10.26 30.79 -0.43
C ASP B 130 -10.60 31.03 1.06
N LYS B 131 -10.07 32.11 1.63
CA LYS B 131 -10.30 32.48 3.02
C LYS B 131 -11.78 32.48 3.45
N ALA B 132 -12.65 32.93 2.56
CA ALA B 132 -14.08 33.00 2.86
C ALA B 132 -14.69 31.62 3.13
N TRP B 133 -13.99 30.56 2.73
CA TRP B 133 -14.46 29.19 2.97
C TRP B 133 -14.17 28.70 4.39
N VAL B 134 -13.28 29.38 5.11
CA VAL B 134 -13.01 28.96 6.47
C VAL B 134 -14.24 29.34 7.31
N PRO B 135 -14.87 28.35 7.96
CA PRO B 135 -16.12 28.64 8.68
C PRO B 135 -15.95 29.60 9.87
N GLY B 136 -17.06 29.99 10.46
CA GLY B 136 -17.01 30.92 11.58
C GLY B 136 -16.26 30.40 12.78
N ALA B 137 -15.72 31.32 13.57
CA ALA B 137 -15.18 31.04 14.89
C ALA B 137 -16.37 30.94 15.86
N GLY B 138 -16.26 30.20 16.96
CA GLY B 138 -15.14 29.32 17.25
C GLY B 138 -15.71 28.08 17.91
N GLY B 139 -16.27 27.18 17.09
CA GLY B 139 -16.74 25.89 17.55
C GLY B 139 -15.91 24.77 16.95
N GLU B 140 -16.56 23.65 16.63
CA GLU B 140 -15.87 22.48 16.08
C GLU B 140 -15.52 22.65 14.60
N GLU B 141 -16.00 23.74 14.00
CA GLU B 141 -15.87 23.89 12.54
C GLU B 141 -14.58 24.57 12.15
N ALA B 142 -13.89 23.98 11.18
CA ALA B 142 -12.68 24.55 10.61
C ALA B 142 -12.60 24.11 9.15
N LEU B 143 -11.53 24.50 8.46
CA LEU B 143 -11.39 24.11 7.07
C LEU B 143 -10.31 23.04 6.98
N TYR B 144 -10.68 21.85 6.51
CA TYR B 144 -9.71 20.76 6.42
C TYR B 144 -8.81 20.93 5.19
N LEU B 145 -7.50 20.85 5.40
CA LEU B 145 -6.54 20.92 4.30
C LEU B 145 -5.92 19.57 4.00
N ARG B 146 -5.90 19.19 2.72
CA ARG B 146 -5.34 17.90 2.28
C ARG B 146 -4.18 18.15 1.29
N PRO B 147 -2.94 18.20 1.80
CA PRO B 147 -1.75 18.21 0.97
C PRO B 147 -1.44 16.77 0.54
N PHE B 148 -1.15 16.52 -0.71
CA PHE B 148 -0.83 15.15 -1.13
C PHE B 148 0.04 15.12 -2.38
N ILE B 149 0.88 14.09 -2.42
CA ILE B 149 1.80 13.88 -3.51
C ILE B 149 1.48 12.55 -4.19
N PHE B 150 1.49 12.53 -5.53
CA PHE B 150 1.39 11.27 -6.29
C PHE B 150 2.33 11.21 -7.52
N ALA B 151 2.80 10.01 -7.85
CA ALA B 151 3.69 9.76 -8.99
C ALA B 151 2.94 9.84 -10.31
N THR B 152 3.44 10.64 -11.25
CA THR B 152 2.73 10.88 -12.51
C THR B 152 3.49 10.35 -13.72
N GLU B 153 4.77 10.02 -13.52
CA GLU B 153 5.60 9.54 -14.62
C GLU B 153 4.98 8.29 -15.24
N PRO B 154 4.81 8.29 -16.57
CA PRO B 154 4.33 7.06 -17.23
C PRO B 154 5.43 6.01 -17.26
N GLY B 155 5.12 4.80 -16.85
CA GLY B 155 6.11 3.73 -16.93
C GLY B 155 5.59 2.55 -16.14
N LEU B 156 5.81 1.35 -16.65
CA LEU B 156 5.34 0.16 -15.93
C LEU B 156 6.50 -0.52 -15.21
N GLY B 157 7.70 0.02 -15.36
CA GLY B 157 8.83 -0.46 -14.57
C GLY B 157 8.59 -0.17 -13.09
N VAL B 158 8.94 -1.11 -12.22
CA VAL B 158 8.81 -0.90 -10.79
C VAL B 158 10.10 -0.22 -10.34
N ARG B 159 10.06 1.11 -10.32
CA ARG B 159 11.16 1.99 -9.90
C ARG B 159 10.54 3.30 -9.38
N PRO B 160 11.29 4.07 -8.55
CA PRO B 160 10.72 5.38 -8.18
C PRO B 160 10.44 6.25 -9.41
N ALA B 161 9.33 6.98 -9.39
CA ALA B 161 9.03 7.89 -10.49
C ALA B 161 10.06 9.03 -10.60
N THR B 162 10.21 9.58 -11.80
CA THR B 162 11.02 10.78 -12.02
C THR B 162 10.13 12.03 -12.15
N GLN B 163 8.83 11.86 -12.02
CA GLN B 163 7.85 12.94 -12.18
C GLN B 163 6.72 12.75 -11.17
N TYR B 164 6.38 13.83 -10.48
CA TYR B 164 5.32 13.80 -9.48
C TYR B 164 4.46 15.04 -9.58
N ARG B 165 3.33 14.98 -8.91
CA ARG B 165 2.53 16.18 -8.73
C ARG B 165 2.14 16.28 -7.25
N TYR B 166 2.11 17.51 -6.76
CA TYR B 166 1.60 17.84 -5.43
C TYR B 166 0.36 18.68 -5.62
N LEU B 167 -0.69 18.36 -4.87
CA LEU B 167 -1.89 19.17 -4.84
C LEU B 167 -2.25 19.52 -3.41
N LEU B 168 -2.80 20.72 -3.23
CA LEU B 168 -3.37 21.10 -1.94
C LEU B 168 -4.85 21.40 -2.20
N ILE B 169 -5.73 20.64 -1.57
CA ILE B 169 -7.15 20.92 -1.68
C ILE B 169 -7.74 21.14 -0.30
N ALA B 170 -8.90 21.78 -0.24
CA ALA B 170 -9.52 22.08 1.02
C ALA B 170 -10.98 21.65 1.01
N SER B 171 -11.49 21.31 2.19
CA SER B 171 -12.84 20.81 2.39
C SER B 171 -13.41 21.32 3.71
N PRO B 172 -14.62 21.90 3.70
CA PRO B 172 -15.26 22.36 4.95
C PRO B 172 -15.39 21.19 5.95
N ALA B 173 -15.11 21.41 7.23
CA ALA B 173 -15.17 20.32 8.21
C ALA B 173 -16.07 20.67 9.40
N ILE B 181 -17.67 14.08 19.70
CA ILE B 181 -17.49 13.67 21.10
C ILE B 181 -18.46 12.63 21.58
N ALA B 182 -19.39 12.27 20.69
CA ALA B 182 -20.19 11.09 20.88
C ALA B 182 -19.23 9.91 21.06
N PRO B 183 -19.34 9.19 22.18
CA PRO B 183 -18.47 8.02 22.39
C PRO B 183 -18.64 6.99 21.27
N VAL B 184 -17.59 6.21 20.98
CA VAL B 184 -17.69 5.22 19.92
C VAL B 184 -17.32 3.85 20.45
N SER B 185 -17.72 2.83 19.71
CA SER B 185 -17.33 1.46 20.04
C SER B 185 -16.25 1.00 19.07
N VAL B 186 -15.36 0.14 19.53
CA VAL B 186 -14.25 -0.29 18.68
C VAL B 186 -14.18 -1.79 18.61
N TRP B 187 -13.79 -2.25 17.41
CA TRP B 187 -13.59 -3.66 17.09
C TRP B 187 -12.10 -3.94 16.97
N VAL B 188 -11.61 -4.93 17.70
CA VAL B 188 -10.19 -5.28 17.64
C VAL B 188 -9.95 -6.24 16.48
N SER B 189 -9.19 -5.80 15.48
CA SER B 189 -8.90 -6.66 14.31
C SER B 189 -7.90 -7.75 14.67
N THR B 190 -8.32 -9.01 14.58
CA THR B 190 -7.43 -10.12 14.86
C THR B 190 -7.05 -10.85 13.57
N GLU B 191 -7.81 -10.60 12.52
CA GLU B 191 -7.59 -11.32 11.27
C GLU B 191 -6.69 -10.54 10.31
N TYR B 192 -6.75 -9.22 10.39
CA TYR B 192 -5.99 -8.37 9.46
C TYR B 192 -4.93 -7.56 10.15
N VAL B 193 -3.88 -7.28 9.40
CA VAL B 193 -2.77 -6.50 9.88
C VAL B 193 -2.57 -5.35 8.89
N ARG B 194 -2.32 -4.18 9.44
CA ARG B 194 -2.31 -2.97 8.64
C ARG B 194 -0.92 -2.54 8.17
N ALA B 195 0.08 -2.86 8.97
CA ALA B 195 1.48 -2.52 8.66
C ALA B 195 2.43 -3.45 9.41
N CYS B 196 3.68 -3.55 8.91
CA CYS B 196 4.69 -4.53 9.29
C CYS B 196 5.87 -3.71 9.85
N PRO B 197 6.54 -4.17 10.93
CA PRO B 197 7.82 -3.51 11.20
C PRO B 197 8.75 -3.65 10.00
N GLY B 198 9.52 -2.63 9.68
CA GLY B 198 10.30 -2.64 8.45
C GLY B 198 9.48 -2.14 7.27
N GLY B 199 8.20 -1.88 7.51
CA GLY B 199 7.30 -1.44 6.45
C GLY B 199 7.00 0.04 6.48
N THR B 200 5.76 0.40 6.16
CA THR B 200 5.37 1.77 5.87
C THR B 200 4.44 2.40 6.90
N GLY B 201 4.27 1.74 8.05
CA GLY B 201 3.29 2.17 9.05
C GLY B 201 3.58 3.49 9.76
N ALA B 202 4.84 3.93 9.76
CA ALA B 202 5.19 5.19 10.39
C ALA B 202 5.14 6.32 9.34
N ALA B 203 4.76 5.97 8.12
CA ALA B 203 4.51 6.96 7.07
C ALA B 203 3.01 7.15 6.81
N LYS B 204 2.61 8.34 6.42
CA LYS B 204 1.23 8.57 6.06
C LYS B 204 1.08 8.26 4.55
N PHE B 205 0.89 6.97 4.26
CA PHE B 205 1.00 6.44 2.90
C PHE B 205 -0.29 5.72 2.53
N GLY B 206 -0.80 6.03 1.34
CA GLY B 206 -2.08 5.51 0.89
C GLY B 206 -2.27 4.02 1.08
N GLY B 207 -1.21 3.26 0.88
CA GLY B 207 -1.27 1.81 0.92
C GLY B 207 -1.60 1.22 2.29
N ASN B 208 -1.31 1.96 3.36
CA ASN B 208 -1.69 1.52 4.71
C ASN B 208 -3.21 1.55 4.83
N TYR B 209 -3.80 2.55 4.18
CA TYR B 209 -5.23 2.77 4.29
C TYR B 209 -5.96 1.77 3.43
N ALA B 210 -5.40 1.50 2.26
CA ALA B 210 -5.98 0.51 1.37
C ALA B 210 -6.09 -0.83 2.08
N ALA B 211 -5.01 -1.20 2.76
CA ALA B 211 -4.91 -2.48 3.43
C ALA B 211 -5.94 -2.62 4.55
N SER B 212 -6.49 -1.49 5.03
CA SER B 212 -7.35 -1.47 6.22
CA SER B 212 -7.37 -1.48 6.21
C SER B 212 -8.85 -1.55 5.91
N LEU B 213 -9.22 -1.44 4.64
CA LEU B 213 -10.63 -1.28 4.28
C LEU B 213 -11.49 -2.50 4.58
N LEU B 214 -10.94 -3.70 4.37
CA LEU B 214 -11.67 -4.92 4.61
C LEU B 214 -12.02 -5.11 6.10
N ALA B 215 -11.11 -4.74 7.01
CA ALA B 215 -11.36 -4.87 8.46
C ALA B 215 -12.47 -3.92 8.94
N GLN B 216 -12.49 -2.74 8.35
CA GLN B 216 -13.45 -1.71 8.68
C GLN B 216 -14.89 -2.18 8.40
N ALA B 217 -15.02 -3.13 7.47
CA ALA B 217 -16.30 -3.74 7.16
C ALA B 217 -16.73 -4.76 8.20
N GLU B 218 -15.76 -5.50 8.71
CA GLU B 218 -16.04 -6.50 9.72
C GLU B 218 -16.47 -5.80 11.00
N ALA B 219 -15.95 -4.60 11.22
CA ALA B 219 -16.27 -3.81 12.39
C ALA B 219 -17.74 -3.37 12.37
N ALA B 220 -18.19 -2.90 11.21
CA ALA B 220 -19.57 -2.46 11.03
C ALA B 220 -20.52 -3.63 11.25
N GLU B 221 -20.14 -4.78 10.68
CA GLU B 221 -20.93 -6.00 10.81
C GLU B 221 -21.10 -6.41 12.27
N ASN B 222 -20.18 -5.96 13.12
CA ASN B 222 -20.26 -6.29 14.54
C ASN B 222 -20.62 -5.08 15.39
N GLY B 223 -21.22 -4.08 14.74
CA GLY B 223 -21.81 -2.94 15.40
C GLY B 223 -20.84 -1.86 15.83
N CYS B 224 -19.54 -2.09 15.62
CA CYS B 224 -18.54 -1.17 16.12
C CYS B 224 -18.26 -0.07 15.12
N ASP B 225 -17.84 1.09 15.64
CA ASP B 225 -17.61 2.29 14.83
C ASP B 225 -16.19 2.37 14.25
N GLN B 226 -15.21 1.86 14.98
CA GLN B 226 -13.82 1.99 14.55
C GLN B 226 -13.05 0.71 14.77
N VAL B 227 -11.87 0.60 14.16
CA VAL B 227 -11.02 -0.59 14.28
C VAL B 227 -9.77 -0.29 15.08
N VAL B 228 -9.47 -1.16 16.04
CA VAL B 228 -8.18 -1.11 16.72
C VAL B 228 -7.25 -2.12 16.09
N TRP B 229 -6.05 -1.69 15.70
CA TRP B 229 -5.09 -2.60 15.09
C TRP B 229 -4.01 -3.12 16.05
N LEU B 230 -3.61 -4.38 15.89
CA LEU B 230 -2.56 -5.00 16.69
C LEU B 230 -1.26 -5.24 15.90
N ASP B 231 -0.16 -5.41 16.61
CA ASP B 231 1.15 -5.49 15.97
C ASP B 231 1.29 -6.75 15.10
N ALA B 232 2.06 -6.63 14.03
CA ALA B 232 2.23 -7.72 13.06
C ALA B 232 2.96 -8.96 13.59
N VAL B 233 3.99 -8.74 14.40
CA VAL B 233 4.87 -9.82 14.78
C VAL B 233 4.24 -10.74 15.82
N GLU B 234 3.69 -10.17 16.88
CA GLU B 234 3.15 -10.99 17.97
C GLU B 234 1.62 -10.97 18.05
N ARG B 235 0.97 -10.13 17.24
CA ARG B 235 -0.48 -10.09 17.10
C ARG B 235 -1.16 -9.84 18.45
N ARG B 236 -0.52 -9.01 19.28
CA ARG B 236 -1.03 -8.78 20.63
C ARG B 236 -0.87 -7.33 21.14
N TYR B 237 0.10 -6.58 20.61
CA TYR B 237 0.30 -5.22 21.13
C TYR B 237 -0.54 -4.19 20.37
N ILE B 238 -1.21 -3.34 21.14
CA ILE B 238 -2.07 -2.32 20.57
C ILE B 238 -1.24 -1.34 19.75
N GLU B 239 -1.68 -1.06 18.53
CA GLU B 239 -0.96 -0.12 17.67
C GLU B 239 -1.69 1.23 17.66
N GLU B 240 -2.78 1.29 16.91
CA GLU B 240 -3.56 2.52 16.71
C GLU B 240 -4.90 2.20 16.09
N MET B 241 -5.75 3.21 15.92
CA MET B 241 -6.99 3.08 15.13
C MET B 241 -6.71 3.31 13.65
N GLY B 242 -7.74 3.11 12.83
CA GLY B 242 -7.63 3.28 11.39
C GLY B 242 -7.21 4.68 10.97
N GLY B 243 -7.66 5.68 11.72
CA GLY B 243 -7.28 7.05 11.42
C GLY B 243 -6.99 7.89 12.66
N MET B 244 -6.63 7.25 13.77
CA MET B 244 -6.46 7.94 15.07
C MET B 244 -5.49 7.17 15.94
N ASN B 245 -4.75 7.86 16.83
CA ASN B 245 -3.99 7.15 17.85
C ASN B 245 -4.90 6.86 19.04
N ILE B 246 -4.46 5.98 19.96
CA ILE B 246 -5.31 5.58 21.08
C ILE B 246 -4.62 5.86 22.42
N PHE B 247 -5.39 6.34 23.40
CA PHE B 247 -4.91 6.60 24.77
C PHE B 247 -5.75 5.85 25.82
N PHE B 248 -5.11 5.48 26.93
CA PHE B 248 -5.78 4.93 28.10
C PHE B 248 -5.53 5.80 29.31
N VAL B 249 -6.52 5.92 30.19
CA VAL B 249 -6.33 6.66 31.43
C VAL B 249 -6.41 5.62 32.56
N LEU B 250 -5.40 5.60 33.42
CA LEU B 250 -5.40 4.68 34.55
C LEU B 250 -5.63 5.49 35.82
N GLY B 251 -6.56 5.07 36.67
CA GLY B 251 -6.81 5.84 37.89
C GLY B 251 -7.57 7.13 37.62
N SER B 252 -7.52 8.06 38.59
CA SER B 252 -8.32 9.27 38.50
C SER B 252 -7.75 10.45 39.30
N GLY B 253 -8.32 11.63 39.07
CA GLY B 253 -7.80 12.84 39.68
C GLY B 253 -6.35 13.11 39.31
N GLY B 254 -5.66 13.85 40.18
CA GLY B 254 -4.28 14.24 39.93
C GLY B 254 -3.31 13.09 39.78
N SER B 255 -3.66 11.92 40.29
CA SER B 255 -2.75 10.78 40.23
C SER B 255 -3.02 9.87 39.02
N ALA B 256 -3.94 10.30 38.15
CA ALA B 256 -4.23 9.51 36.95
C ALA B 256 -3.01 9.49 36.06
N ARG B 257 -2.87 8.40 35.33
CA ARG B 257 -1.76 8.19 34.42
C ARG B 257 -2.29 8.07 33.01
N LEU B 258 -1.69 8.83 32.10
CA LEU B 258 -2.08 8.77 30.68
C LEU B 258 -1.13 7.82 29.96
N VAL B 259 -1.67 6.76 29.36
CA VAL B 259 -0.86 5.70 28.75
C VAL B 259 -1.19 5.56 27.25
N THR B 260 -0.17 5.37 26.42
CA THR B 260 -0.38 5.28 24.98
C THR B 260 0.67 4.37 24.37
N PRO B 261 0.32 3.63 23.30
CA PRO B 261 1.36 2.83 22.64
C PRO B 261 2.61 3.64 22.27
N GLU B 262 3.79 3.16 22.68
CA GLU B 262 5.06 3.74 22.22
C GLU B 262 5.19 3.65 20.71
N LEU B 263 5.99 4.54 20.13
CA LEU B 263 6.11 4.52 18.67
C LEU B 263 6.85 3.23 18.29
N SER B 264 6.17 2.35 17.56
CA SER B 264 6.67 1.02 17.27
C SER B 264 7.43 0.91 15.95
N GLY B 265 7.28 1.92 15.11
CA GLY B 265 7.81 1.89 13.76
C GLY B 265 6.75 1.42 12.79
N SER B 266 5.58 1.03 13.29
CA SER B 266 4.50 0.56 12.40
C SER B 266 3.18 1.25 12.68
N LEU B 267 3.21 2.28 13.51
CA LEU B 267 2.03 3.12 13.72
C LEU B 267 2.41 4.57 13.50
N LEU B 268 1.41 5.40 13.26
CA LEU B 268 1.69 6.78 12.85
C LEU B 268 1.96 7.69 14.04
N PRO B 269 3.05 8.45 14.00
CA PRO B 269 3.29 9.43 15.07
C PRO B 269 2.35 10.61 14.91
N GLY B 270 1.13 10.46 15.43
CA GLY B 270 0.16 11.54 15.31
C GLY B 270 0.60 12.84 15.95
N ILE B 271 0.26 13.96 15.32
CA ILE B 271 0.63 15.26 15.86
C ILE B 271 -0.30 15.62 17.03
N THR B 272 -1.56 15.17 16.97
CA THR B 272 -2.45 15.32 18.13
C THR B 272 -1.92 14.54 19.36
N ARG B 273 -1.55 13.27 19.14
CA ARG B 273 -0.89 12.43 20.13
C ARG B 273 0.32 13.13 20.77
N ASP B 274 1.23 13.62 19.94
CA ASP B 274 2.42 14.33 20.41
C ASP B 274 1.99 15.52 21.29
N SER B 275 1.02 16.29 20.83
CA SER B 275 0.55 17.46 21.58
C SER B 275 -0.08 17.07 22.91
N LEU B 276 -0.87 16.00 22.92
CA LEU B 276 -1.59 15.65 24.15
C LEU B 276 -0.64 15.16 25.21
N LEU B 277 0.41 14.45 24.78
CA LEU B 277 1.44 14.06 25.73
C LEU B 277 2.03 15.29 26.43
N GLN B 278 2.30 16.35 25.68
CA GLN B 278 2.80 17.59 26.29
C GLN B 278 1.76 18.23 27.21
N LEU B 279 0.52 18.33 26.73
CA LEU B 279 -0.55 18.92 27.52
C LEU B 279 -0.76 18.16 28.81
N ALA B 280 -0.62 16.84 28.77
CA ALA B 280 -0.78 16.05 29.98
C ALA B 280 0.28 16.43 31.02
N ILE B 281 1.52 16.54 30.55
CA ILE B 281 2.61 17.00 31.39
C ILE B 281 2.36 18.39 31.95
N ASP B 282 1.91 19.32 31.11
CA ASP B 282 1.58 20.69 31.57
C ASP B 282 0.60 20.64 32.74
N ALA B 283 -0.40 19.76 32.63
CA ALA B 283 -1.46 19.60 33.63
C ALA B 283 -0.99 18.90 34.92
N GLY B 284 0.14 18.21 34.84
CA GLY B 284 0.68 17.47 35.97
C GLY B 284 0.31 16.00 36.03
N PHE B 285 -0.20 15.45 34.94
CA PHE B 285 -0.42 14.01 34.88
C PHE B 285 0.87 13.25 34.56
N ALA B 286 1.06 12.09 35.18
CA ALA B 286 2.08 11.14 34.74
C ALA B 286 1.72 10.60 33.35
N VAL B 287 2.71 10.46 32.48
CA VAL B 287 2.45 9.91 31.15
C VAL B 287 3.37 8.71 30.91
N GLU B 288 2.85 7.70 30.23
CA GLU B 288 3.59 6.48 29.92
C GLU B 288 3.42 6.07 28.45
N GLU B 289 4.51 6.08 27.69
CA GLU B 289 4.56 5.47 26.36
C GLU B 289 5.16 4.10 26.50
N ARG B 290 4.44 3.05 26.13
CA ARG B 290 4.94 1.71 26.32
C ARG B 290 4.21 0.73 25.45
N ARG B 291 4.62 -0.54 25.50
CA ARG B 291 3.91 -1.59 24.79
C ARG B 291 2.71 -1.98 25.64
N ILE B 292 1.53 -2.03 25.04
CA ILE B 292 0.38 -2.45 25.81
C ILE B 292 -0.36 -3.60 25.12
N ASP B 293 -0.43 -4.72 25.85
CA ASP B 293 -1.11 -5.95 25.46
C ASP B 293 -2.64 -5.81 25.38
N ILE B 294 -3.24 -6.45 24.39
CA ILE B 294 -4.68 -6.40 24.26
C ILE B 294 -5.35 -7.13 25.45
N ASP B 295 -4.70 -8.18 25.96
CA ASP B 295 -5.25 -8.92 27.10
C ASP B 295 -5.11 -8.12 28.41
N GLU B 296 -4.30 -7.06 28.37
CA GLU B 296 -4.13 -6.16 29.50
C GLU B 296 -5.28 -5.16 29.54
N TRP B 297 -5.64 -4.65 28.36
CA TRP B 297 -6.75 -3.70 28.22
C TRP B 297 -8.04 -4.20 28.88
N GLN B 298 -8.54 -5.37 28.45
CA GLN B 298 -9.82 -5.85 28.98
C GLN B 298 -9.73 -6.17 30.47
N LYS B 299 -8.60 -6.75 30.86
CA LYS B 299 -8.35 -7.11 32.25
C LYS B 299 -8.36 -5.88 33.17
N LYS B 300 -7.61 -4.86 32.81
CA LYS B 300 -7.57 -3.64 33.63
C LYS B 300 -8.87 -2.83 33.56
N ALA B 301 -9.58 -2.85 32.42
CA ALA B 301 -10.88 -2.17 32.33
C ALA B 301 -11.88 -2.84 33.27
N ALA B 302 -11.94 -4.18 33.20
CA ALA B 302 -12.84 -4.97 34.04
C ALA B 302 -12.54 -4.80 35.53
N ALA B 303 -11.27 -4.58 35.86
CA ALA B 303 -10.85 -4.41 37.25
C ALA B 303 -11.00 -2.97 37.75
N GLY B 304 -11.43 -2.06 36.87
CA GLY B 304 -11.58 -0.66 37.23
C GLY B 304 -10.28 0.14 37.22
N GLU B 305 -9.22 -0.49 36.71
CA GLU B 305 -7.90 0.15 36.66
C GLU B 305 -7.83 1.13 35.48
N ILE B 306 -8.25 0.65 34.32
CA ILE B 306 -8.46 1.56 33.19
C ILE B 306 -9.81 2.23 33.39
N THR B 307 -9.77 3.54 33.60
CA THR B 307 -10.96 4.33 33.86
C THR B 307 -11.51 5.07 32.63
N GLU B 308 -10.66 5.34 31.64
CA GLU B 308 -11.08 6.03 30.42
C GLU B 308 -10.28 5.53 29.25
N VAL B 309 -10.87 5.58 28.05
CA VAL B 309 -10.14 5.31 26.81
C VAL B 309 -10.55 6.36 25.80
N PHE B 310 -9.61 6.87 24.99
CA PHE B 310 -9.97 7.76 23.89
C PHE B 310 -9.04 7.65 22.71
N ALA B 311 -9.56 8.13 21.58
CA ALA B 311 -8.78 8.19 20.34
C ALA B 311 -8.52 9.64 20.00
N CYS B 312 -7.44 9.94 19.31
CA CYS B 312 -7.16 11.32 18.98
C CYS B 312 -6.68 11.46 17.55
N GLY B 313 -6.93 12.63 17.00
CA GLY B 313 -6.53 12.88 15.62
C GLY B 313 -6.98 14.24 15.18
N THR B 314 -6.51 14.66 14.01
CA THR B 314 -6.80 16.00 13.49
C THR B 314 -8.30 16.29 13.38
N ALA B 315 -9.05 15.38 12.75
CA ALA B 315 -10.47 15.64 12.45
C ALA B 315 -11.32 15.81 13.70
N ALA B 316 -11.29 14.81 14.57
CA ALA B 316 -12.19 14.84 15.74
C ALA B 316 -11.57 15.44 17.02
N VAL B 317 -10.27 15.75 16.97
CA VAL B 317 -9.44 16.12 18.14
C VAL B 317 -9.34 14.95 19.14
N ILE B 318 -10.40 14.73 19.92
CA ILE B 318 -10.46 13.59 20.83
C ILE B 318 -11.85 13.00 20.76
N THR B 319 -11.92 11.68 20.63
CA THR B 319 -13.17 10.93 20.63
C THR B 319 -13.14 9.89 21.74
N PRO B 320 -14.06 9.98 22.71
CA PRO B 320 -14.10 8.99 23.79
C PRO B 320 -14.50 7.61 23.25
N VAL B 321 -13.90 6.57 23.84
CA VAL B 321 -14.25 5.19 23.53
C VAL B 321 -15.07 4.59 24.68
N ALA B 322 -16.27 4.09 24.37
CA ALA B 322 -17.16 3.58 25.42
C ALA B 322 -17.16 2.06 25.55
N ARG B 323 -16.79 1.38 24.48
CA ARG B 323 -17.11 -0.04 24.34
C ARG B 323 -16.11 -0.72 23.42
N VAL B 324 -15.77 -1.96 23.71
CA VAL B 324 -14.77 -2.69 22.91
C VAL B 324 -15.25 -4.09 22.62
N ARG B 325 -15.11 -4.51 21.36
CA ARG B 325 -15.36 -5.88 20.97
C ARG B 325 -14.03 -6.54 20.63
N HIS B 326 -13.75 -7.68 21.26
CA HIS B 326 -12.56 -8.45 20.92
C HIS B 326 -12.90 -9.93 20.85
N GLY B 327 -13.01 -10.45 19.63
CA GLY B 327 -13.51 -11.80 19.44
C GLY B 327 -14.93 -11.89 19.98
N ALA B 328 -15.17 -12.85 20.85
CA ALA B 328 -16.47 -12.99 21.46
C ALA B 328 -16.63 -11.97 22.59
N SER B 329 -15.53 -11.67 23.26
CA SER B 329 -15.53 -10.76 24.39
C SER B 329 -16.02 -9.36 24.04
N GLU B 330 -16.74 -8.76 24.98
CA GLU B 330 -17.21 -7.41 24.83
C GLU B 330 -17.17 -6.77 26.17
N PHE B 331 -16.56 -5.60 26.26
CA PHE B 331 -16.55 -4.91 27.53
C PHE B 331 -16.76 -3.41 27.35
N ARG B 332 -17.23 -2.77 28.42
CA ARG B 332 -17.50 -1.34 28.44
C ARG B 332 -16.42 -0.64 29.23
N ILE B 333 -16.27 0.66 28.99
CA ILE B 333 -15.30 1.45 29.74
C ILE B 333 -16.08 2.25 30.75
N ALA B 334 -15.97 1.88 32.01
CA ALA B 334 -16.69 2.57 33.08
C ALA B 334 -18.17 2.70 32.75
N ASP B 335 -18.70 3.91 32.84
CA ASP B 335 -20.12 4.14 32.64
C ASP B 335 -20.45 4.42 31.17
N GLY B 336 -19.46 4.27 30.30
CA GLY B 336 -19.66 4.54 28.89
C GLY B 336 -19.74 6.01 28.48
N GLN B 337 -19.59 6.90 29.47
CA GLN B 337 -19.63 8.33 29.22
C GLN B 337 -18.22 8.86 29.00
N PRO B 338 -18.09 10.04 28.38
CA PRO B 338 -16.76 10.66 28.25
C PRO B 338 -16.11 10.83 29.62
N GLY B 339 -14.85 10.44 29.73
CA GLY B 339 -14.13 10.51 30.99
C GLY B 339 -13.63 11.89 31.35
N GLU B 340 -13.30 12.08 32.63
CA GLU B 340 -12.89 13.38 33.16
C GLU B 340 -11.59 13.88 32.55
N VAL B 341 -10.57 13.01 32.52
CA VAL B 341 -9.28 13.42 31.97
C VAL B 341 -9.39 13.63 30.45
N THR B 342 -10.16 12.75 29.80
CA THR B 342 -10.43 12.84 28.37
C THR B 342 -10.96 14.22 27.98
N MET B 343 -11.99 14.67 28.68
CA MET B 343 -12.62 15.95 28.34
C MET B 343 -11.81 17.17 28.80
N ALA B 344 -11.05 17.03 29.88
CA ALA B 344 -10.16 18.10 30.32
C ALA B 344 -9.11 18.37 29.25
N LEU B 345 -8.50 17.31 28.74
CA LEU B 345 -7.51 17.44 27.68
C LEU B 345 -8.15 17.96 26.38
N ARG B 346 -9.35 17.47 26.06
CA ARG B 346 -10.01 17.94 24.84
C ARG B 346 -10.33 19.43 24.92
N ASP B 347 -10.84 19.86 26.05
CA ASP B 347 -11.17 21.26 26.24
C ASP B 347 -9.92 22.15 26.13
N THR B 348 -8.80 21.69 26.69
CA THR B 348 -7.57 22.45 26.64
C THR B 348 -7.05 22.55 25.21
N LEU B 349 -6.97 21.39 24.52
CA LEU B 349 -6.46 21.41 23.14
C LEU B 349 -7.36 22.20 22.19
N THR B 350 -8.68 22.02 22.26
CA THR B 350 -9.54 22.77 21.38
C THR B 350 -9.43 24.25 21.73
N GLY B 351 -9.22 24.56 23.02
CA GLY B 351 -9.09 25.93 23.46
C GLY B 351 -7.89 26.60 22.83
N ILE B 352 -6.77 25.88 22.80
CA ILE B 352 -5.58 26.39 22.16
C ILE B 352 -5.86 26.63 20.67
N GLN B 353 -6.52 25.68 20.00
CA GLN B 353 -6.73 25.79 18.54
C GLN B 353 -7.72 26.89 18.16
N ARG B 354 -8.58 27.25 19.10
CA ARG B 354 -9.55 28.32 18.86
C ARG B 354 -9.08 29.68 19.39
N GLY B 355 -7.91 29.70 20.05
CA GLY B 355 -7.31 30.94 20.52
C GLY B 355 -7.84 31.41 21.86
N THR B 356 -8.65 30.58 22.51
CA THR B 356 -9.21 30.98 23.80
C THR B 356 -8.39 30.50 25.01
N PHE B 357 -7.40 29.64 24.78
CA PHE B 357 -6.54 29.14 25.84
C PHE B 357 -5.12 29.47 25.45
N ALA B 358 -4.31 29.92 26.41
CA ALA B 358 -2.95 30.38 26.12
C ALA B 358 -2.07 29.36 25.37
N ASP B 359 -1.44 29.85 24.31
CA ASP B 359 -0.62 29.02 23.43
C ASP B 359 0.81 29.02 23.95
N THR B 360 1.00 28.32 25.06
CA THR B 360 2.28 28.28 25.74
C THR B 360 3.43 27.71 24.90
N HIS B 361 3.11 26.76 24.01
CA HIS B 361 4.15 26.07 23.25
C HIS B 361 4.37 26.66 21.84
N GLY B 362 3.61 27.69 21.49
CA GLY B 362 3.75 28.34 20.19
C GLY B 362 3.36 27.43 19.03
N TRP B 363 2.21 26.79 19.19
CA TRP B 363 1.72 25.83 18.21
C TRP B 363 0.91 26.51 17.13
N MET B 364 0.38 27.69 17.44
CA MET B 364 -0.53 28.39 16.52
C MET B 364 0.23 29.43 15.72
N ALA B 365 -0.04 29.51 14.42
CA ALA B 365 0.65 30.48 13.57
C ALA B 365 -0.30 30.99 12.50
N ARG B 366 -0.12 32.26 12.13
CA ARG B 366 -0.96 32.91 11.14
C ARG B 366 -0.82 32.28 9.76
N LEU B 367 -1.96 32.02 9.12
CA LEU B 367 -2.00 31.56 7.74
C LEU B 367 -2.46 32.66 6.78
N GLY B 368 -3.38 33.52 7.23
CA GLY B 368 -3.94 34.59 6.43
C GLY B 368 -5.03 35.34 7.17
#